data_1BDS
# 
_entry.id   1BDS 
# 
_audit_conform.dict_name       mmcif_pdbx.dic 
_audit_conform.dict_version    5.398 
_audit_conform.dict_location   http://mmcif.pdb.org/dictionaries/ascii/mmcif_pdbx.dic 
# 
loop_
_database_2.database_id 
_database_2.database_code 
_database_2.pdbx_database_accession 
_database_2.pdbx_DOI 
PDB   1BDS         pdb_00001bds 10.2210/pdb1bds/pdb 
WWPDB D_1000171634 ?            ?                   
# 
loop_
_pdbx_audit_revision_history.ordinal 
_pdbx_audit_revision_history.data_content_type 
_pdbx_audit_revision_history.major_revision 
_pdbx_audit_revision_history.minor_revision 
_pdbx_audit_revision_history.revision_date 
1 'Structure model' 1 0 1989-01-09 
2 'Structure model' 1 1 2008-03-24 
3 'Structure model' 1 2 2011-07-13 
4 'Structure model' 1 3 2017-11-29 
5 'Structure model' 1 4 2024-10-30 
# 
_pdbx_audit_revision_details.ordinal             1 
_pdbx_audit_revision_details.revision_ordinal    1 
_pdbx_audit_revision_details.data_content_type   'Structure model' 
_pdbx_audit_revision_details.provider            repository 
_pdbx_audit_revision_details.type                'Initial release' 
_pdbx_audit_revision_details.description         ? 
_pdbx_audit_revision_details.details             ? 
# 
loop_
_pdbx_audit_revision_group.ordinal 
_pdbx_audit_revision_group.revision_ordinal 
_pdbx_audit_revision_group.data_content_type 
_pdbx_audit_revision_group.group 
1 2 'Structure model' 'Version format compliance' 
2 3 'Structure model' 'Version format compliance' 
3 4 'Structure model' 'Derived calculations'      
4 4 'Structure model' Other                       
5 5 'Structure model' 'Data collection'           
6 5 'Structure model' 'Database references'       
7 5 'Structure model' 'Structure summary'         
# 
loop_
_pdbx_audit_revision_category.ordinal 
_pdbx_audit_revision_category.revision_ordinal 
_pdbx_audit_revision_category.data_content_type 
_pdbx_audit_revision_category.category 
1 4 'Structure model' pdbx_database_status      
2 4 'Structure model' pdbx_struct_assembly      
3 4 'Structure model' pdbx_struct_oper_list     
4 4 'Structure model' struct_conf               
5 5 'Structure model' chem_comp_atom            
6 5 'Structure model' chem_comp_bond            
7 5 'Structure model' database_2                
8 5 'Structure model' pdbx_entry_details        
9 5 'Structure model' pdbx_modification_feature 
# 
loop_
_pdbx_audit_revision_item.ordinal 
_pdbx_audit_revision_item.revision_ordinal 
_pdbx_audit_revision_item.data_content_type 
_pdbx_audit_revision_item.item 
1 4 'Structure model' '_pdbx_database_status.process_site'  
2 5 'Structure model' '_database_2.pdbx_DOI'                
3 5 'Structure model' '_database_2.pdbx_database_accession' 
# 
_pdbx_database_status.status_code                     REL 
_pdbx_database_status.entry_id                        1BDS 
_pdbx_database_status.recvd_initial_deposition_date   1988-11-14 
_pdbx_database_status.deposit_site                    ? 
_pdbx_database_status.process_site                    BNL 
_pdbx_database_status.SG_entry                        . 
_pdbx_database_status.pdb_format_compatible           Y 
_pdbx_database_status.status_code_mr                  ? 
_pdbx_database_status.status_code_sf                  ? 
_pdbx_database_status.status_code_cs                  ? 
_pdbx_database_status.methods_development_category    ? 
_pdbx_database_status.status_code_nmr_data            ? 
# 
_pdbx_database_related.db_name        PDB 
_pdbx_database_related.db_id          2BDS 
_pdbx_database_related.details        . 
_pdbx_database_related.content_type   ensemble 
# 
loop_
_audit_author.name 
_audit_author.pdbx_ordinal 
'Clore, G.M.'      1 
'Driscoll, P.C.'   2 
'Gronenborn, A.M.' 3 
# 
loop_
_citation.id 
_citation.title 
_citation.journal_abbrev 
_citation.journal_volume 
_citation.page_first 
_citation.page_last 
_citation.year 
_citation.journal_id_ASTM 
_citation.country 
_citation.journal_id_ISSN 
_citation.journal_id_CSD 
_citation.book_publisher 
_citation.pdbx_database_id_PubMed 
_citation.pdbx_database_id_DOI 
primary 
;Determination of the three-dimensional solution structure of the antihypertensive and antiviral protein BDS-I from the sea anemone Anemonia sulcata: a study using nuclear magnetic resonance and hybrid distance geometry-dynamical simulated annealing.
;
Biochemistry 28  2188 2198 1989 BICHAW US 0006-2960 0033 ? 2566326 10.1021/bi00431a033 
1       
;A Proton Nuclear Magnetic Resonance Study of the Antihypertensive and Antiviral Protein Bds-I from the Sea Anemone Anemonia Sulcata. Sequential and Stereospecific Resonance Assignment and Secondary Structure
;
Biochemistry 28  2178 ?    1989 BICHAW US 0006-2960 0033 ? ?       ?                   
2       
;The Influence of Stereospecific Assignments on the Determination of Three-Dimensional Structures of Proteins by Nuclear Magnetic Resonance Spectroscopy. Application to the Sea Anemone Protein Bds-I
;
'FEBS Lett.' 243 223  ?    1989 FEBLAL NE 0014-5793 0165 ? ?       ?                   
# 
loop_
_citation_author.citation_id 
_citation_author.name 
_citation_author.ordinal 
_citation_author.identifier_ORCID 
primary 'Driscoll, P.C.'   1  ? 
primary 'Gronenborn, A.M.' 2  ? 
primary 'Beress, L.'       3  ? 
primary 'Clore, G.M.'      4  ? 
1       'Driscoll, P.C.'   5  ? 
1       'Clore, G.M.'      6  ? 
1       'Beress, L.'       7  ? 
1       'Gronenborn, A.M.' 8  ? 
2       'Driscoll, P.C.'   9  ? 
2       'Gronenborn, A.M.' 10 ? 
2       'Clore, G.M.'      11 ? 
# 
_entity.id                         1 
_entity.type                       polymer 
_entity.src_method                 man 
_entity.pdbx_description           BDS-I 
_entity.formula_weight             4719.434 
_entity.pdbx_number_of_molecules   1 
_entity.pdbx_ec                    ? 
_entity.pdbx_mutation              ? 
_entity.pdbx_fragment              ? 
_entity.details                    ? 
# 
_entity_poly.entity_id                      1 
_entity_poly.type                           'polypeptide(L)' 
_entity_poly.nstd_linkage                   no 
_entity_poly.nstd_monomer                   no 
_entity_poly.pdbx_seq_one_letter_code       AAPCFCSGKPGRGDLWILRGTCPGGYGYTSNCYKWPNICCYPH 
_entity_poly.pdbx_seq_one_letter_code_can   AAPCFCSGKPGRGDLWILRGTCPGGYGYTSNCYKWPNICCYPH 
_entity_poly.pdbx_strand_id                 A 
_entity_poly.pdbx_target_identifier         ? 
# 
loop_
_entity_poly_seq.entity_id 
_entity_poly_seq.num 
_entity_poly_seq.mon_id 
_entity_poly_seq.hetero 
1 1  ALA n 
1 2  ALA n 
1 3  PRO n 
1 4  CYS n 
1 5  PHE n 
1 6  CYS n 
1 7  SER n 
1 8  GLY n 
1 9  LYS n 
1 10 PRO n 
1 11 GLY n 
1 12 ARG n 
1 13 GLY n 
1 14 ASP n 
1 15 LEU n 
1 16 TRP n 
1 17 ILE n 
1 18 LEU n 
1 19 ARG n 
1 20 GLY n 
1 21 THR n 
1 22 CYS n 
1 23 PRO n 
1 24 GLY n 
1 25 GLY n 
1 26 TYR n 
1 27 GLY n 
1 28 TYR n 
1 29 THR n 
1 30 SER n 
1 31 ASN n 
1 32 CYS n 
1 33 TYR n 
1 34 LYS n 
1 35 TRP n 
1 36 PRO n 
1 37 ASN n 
1 38 ILE n 
1 39 CYS n 
1 40 CYS n 
1 41 TYR n 
1 42 PRO n 
1 43 HIS n 
# 
_entity_src_gen.entity_id                          1 
_entity_src_gen.pdbx_src_id                        1 
_entity_src_gen.pdbx_alt_source_flag               sample 
_entity_src_gen.pdbx_seq_type                      ? 
_entity_src_gen.pdbx_beg_seq_num                   ? 
_entity_src_gen.pdbx_end_seq_num                   ? 
_entity_src_gen.gene_src_common_name               'snake-locks sea anemone' 
_entity_src_gen.gene_src_genus                     Anemonia 
_entity_src_gen.pdbx_gene_src_gene                 ? 
_entity_src_gen.gene_src_species                   ? 
_entity_src_gen.gene_src_strain                    ? 
_entity_src_gen.gene_src_tissue                    ? 
_entity_src_gen.gene_src_tissue_fraction           ? 
_entity_src_gen.gene_src_details                   ? 
_entity_src_gen.pdbx_gene_src_fragment             ? 
_entity_src_gen.pdbx_gene_src_scientific_name      'Anemonia sulcata' 
_entity_src_gen.pdbx_gene_src_ncbi_taxonomy_id     6108 
_entity_src_gen.pdbx_gene_src_variant              ? 
_entity_src_gen.pdbx_gene_src_cell_line            ? 
_entity_src_gen.pdbx_gene_src_atcc                 ? 
_entity_src_gen.pdbx_gene_src_organ                ? 
_entity_src_gen.pdbx_gene_src_organelle            ? 
_entity_src_gen.pdbx_gene_src_cell                 ? 
_entity_src_gen.pdbx_gene_src_cellular_location    ? 
_entity_src_gen.host_org_common_name               ? 
_entity_src_gen.pdbx_host_org_scientific_name      ? 
_entity_src_gen.pdbx_host_org_ncbi_taxonomy_id     ? 
_entity_src_gen.host_org_genus                     ? 
_entity_src_gen.pdbx_host_org_gene                 ? 
_entity_src_gen.pdbx_host_org_organ                ? 
_entity_src_gen.host_org_species                   ? 
_entity_src_gen.pdbx_host_org_tissue               ? 
_entity_src_gen.pdbx_host_org_tissue_fraction      ? 
_entity_src_gen.pdbx_host_org_strain               ? 
_entity_src_gen.pdbx_host_org_variant              ? 
_entity_src_gen.pdbx_host_org_cell_line            ? 
_entity_src_gen.pdbx_host_org_atcc                 ? 
_entity_src_gen.pdbx_host_org_culture_collection   ? 
_entity_src_gen.pdbx_host_org_cell                 ? 
_entity_src_gen.pdbx_host_org_organelle            ? 
_entity_src_gen.pdbx_host_org_cellular_location    ? 
_entity_src_gen.pdbx_host_org_vector_type          ? 
_entity_src_gen.pdbx_host_org_vector               ? 
_entity_src_gen.host_org_details                   ? 
_entity_src_gen.expression_system_id               ? 
_entity_src_gen.plasmid_name                       ? 
_entity_src_gen.plasmid_details                    ? 
_entity_src_gen.pdbx_description                   ? 
# 
loop_
_chem_comp.id 
_chem_comp.type 
_chem_comp.mon_nstd_flag 
_chem_comp.name 
_chem_comp.pdbx_synonyms 
_chem_comp.formula 
_chem_comp.formula_weight 
ALA 'L-peptide linking' y ALANINE         ? 'C3 H7 N O2'     89.093  
ARG 'L-peptide linking' y ARGININE        ? 'C6 H15 N4 O2 1' 175.209 
ASN 'L-peptide linking' y ASPARAGINE      ? 'C4 H8 N2 O3'    132.118 
ASP 'L-peptide linking' y 'ASPARTIC ACID' ? 'C4 H7 N O4'     133.103 
CYS 'L-peptide linking' y CYSTEINE        ? 'C3 H7 N O2 S'   121.158 
GLY 'peptide linking'   y GLYCINE         ? 'C2 H5 N O2'     75.067  
HIS 'L-peptide linking' y HISTIDINE       ? 'C6 H10 N3 O2 1' 156.162 
ILE 'L-peptide linking' y ISOLEUCINE      ? 'C6 H13 N O2'    131.173 
LEU 'L-peptide linking' y LEUCINE         ? 'C6 H13 N O2'    131.173 
LYS 'L-peptide linking' y LYSINE          ? 'C6 H15 N2 O2 1' 147.195 
PHE 'L-peptide linking' y PHENYLALANINE   ? 'C9 H11 N O2'    165.189 
PRO 'L-peptide linking' y PROLINE         ? 'C5 H9 N O2'     115.130 
SER 'L-peptide linking' y SERINE          ? 'C3 H7 N O3'     105.093 
THR 'L-peptide linking' y THREONINE       ? 'C4 H9 N O3'     119.119 
TRP 'L-peptide linking' y TRYPTOPHAN      ? 'C11 H12 N2 O2'  204.225 
TYR 'L-peptide linking' y TYROSINE        ? 'C9 H11 N O3'    181.189 
# 
loop_
_pdbx_poly_seq_scheme.asym_id 
_pdbx_poly_seq_scheme.entity_id 
_pdbx_poly_seq_scheme.seq_id 
_pdbx_poly_seq_scheme.mon_id 
_pdbx_poly_seq_scheme.ndb_seq_num 
_pdbx_poly_seq_scheme.pdb_seq_num 
_pdbx_poly_seq_scheme.auth_seq_num 
_pdbx_poly_seq_scheme.pdb_mon_id 
_pdbx_poly_seq_scheme.auth_mon_id 
_pdbx_poly_seq_scheme.pdb_strand_id 
_pdbx_poly_seq_scheme.pdb_ins_code 
_pdbx_poly_seq_scheme.hetero 
A 1 1  ALA 1  1  1  ALA ALA A . n 
A 1 2  ALA 2  2  2  ALA ALA A . n 
A 1 3  PRO 3  3  3  PRO PRO A . n 
A 1 4  CYS 4  4  4  CYS CYS A . n 
A 1 5  PHE 5  5  5  PHE PHE A . n 
A 1 6  CYS 6  6  6  CYS CYS A . n 
A 1 7  SER 7  7  7  SER SER A . n 
A 1 8  GLY 8  8  8  GLY GLY A . n 
A 1 9  LYS 9  9  9  LYS LYS A . n 
A 1 10 PRO 10 10 10 PRO PRO A . n 
A 1 11 GLY 11 11 11 GLY GLY A . n 
A 1 12 ARG 12 12 12 ARG ARG A . n 
A 1 13 GLY 13 13 13 GLY GLY A . n 
A 1 14 ASP 14 14 14 ASP ASP A . n 
A 1 15 LEU 15 15 15 LEU LEU A . n 
A 1 16 TRP 16 16 16 TRP TRP A . n 
A 1 17 ILE 17 17 17 ILE ILE A . n 
A 1 18 LEU 18 18 18 LEU LEU A . n 
A 1 19 ARG 19 19 19 ARG ARG A . n 
A 1 20 GLY 20 20 20 GLY GLY A . n 
A 1 21 THR 21 21 21 THR THR A . n 
A 1 22 CYS 22 22 22 CYS CYS A . n 
A 1 23 PRO 23 23 23 PRO PRO A . n 
A 1 24 GLY 24 24 24 GLY GLY A . n 
A 1 25 GLY 25 25 25 GLY GLY A . n 
A 1 26 TYR 26 26 26 TYR TYR A . n 
A 1 27 GLY 27 27 27 GLY GLY A . n 
A 1 28 TYR 28 28 28 TYR TYR A . n 
A 1 29 THR 29 29 29 THR THR A . n 
A 1 30 SER 30 30 30 SER SER A . n 
A 1 31 ASN 31 31 31 ASN ASN A . n 
A 1 32 CYS 32 32 32 CYS CYS A . n 
A 1 33 TYR 33 33 33 TYR TYR A . n 
A 1 34 LYS 34 34 34 LYS LYS A . n 
A 1 35 TRP 35 35 35 TRP TRP A . n 
A 1 36 PRO 36 36 36 PRO PRO A . n 
A 1 37 ASN 37 37 37 ASN ASN A . n 
A 1 38 ILE 38 38 38 ILE ILE A . n 
A 1 39 CYS 39 39 39 CYS CYS A . n 
A 1 40 CYS 40 40 40 CYS CYS A . n 
A 1 41 TYR 41 41 41 TYR TYR A . n 
A 1 42 PRO 42 42 42 PRO PRO A . n 
A 1 43 HIS 43 43 43 HIS HIS A . n 
# 
loop_
_software.name 
_software.classification 
_software.version 
_software.citation_id 
_software.pdbx_ordinal 
X-PLOR 'model building' . ? 1 
X-PLOR refinement       . ? 2 
X-PLOR phasing          . ? 3 
# 
_cell.entry_id           1BDS 
_cell.length_a           1.000 
_cell.length_b           1.000 
_cell.length_c           1.000 
_cell.angle_alpha        90.00 
_cell.angle_beta         90.00 
_cell.angle_gamma        90.00 
_cell.Z_PDB              1 
_cell.pdbx_unique_axis   ? 
# 
_symmetry.entry_id                         1BDS 
_symmetry.space_group_name_H-M             'P 1' 
_symmetry.pdbx_full_space_group_name_H-M   ? 
_symmetry.cell_setting                     ? 
_symmetry.Int_Tables_number                1 
# 
_exptl.entry_id          1BDS 
_exptl.method            'SOLUTION NMR' 
_exptl.crystals_number   ? 
# 
_struct.entry_id                  1BDS 
_struct.title                     
;DETERMINATION OF THE THREE-DIMENSIONAL SOLUTION STRUCTURE OF THE ANTIHYPERTENSIVE AND ANTIVIRAL PROTEIN BDS-I FROM THE SEA ANEMONE ANEMONIA SULCATA. A STUDY USING NUCLEAR MAGNETIC RESONANCE AND HYBRID DISTANCE GEOMETRY-DYNAMICAL SIMULATED ANNEALING
;
_struct.pdbx_model_details        ? 
_struct.pdbx_CASP_flag            ? 
_struct.pdbx_model_type_details   ? 
# 
_struct_keywords.entry_id        1BDS 
_struct_keywords.pdbx_keywords   'ANTI-HYPERTENSIVE, ANTI-VIRAL PROTEIN' 
_struct_keywords.text            'ANTI-HYPERTENSIVE, ANTI-VIRAL PROTEIN' 
# 
_struct_asym.id                            A 
_struct_asym.pdbx_blank_PDB_chainid_flag   Y 
_struct_asym.pdbx_modified                 N 
_struct_asym.entity_id                     1 
_struct_asym.details                       ? 
# 
_struct_ref.id                         1 
_struct_ref.db_name                    UNP 
_struct_ref.db_code                    BDS1_ANESU 
_struct_ref.entity_id                  1 
_struct_ref.pdbx_db_accession          P11494 
_struct_ref.pdbx_align_begin           1 
_struct_ref.pdbx_seq_one_letter_code   AAPCFCSGKPGRGDLWILRGTCPGGYGYTSNCYKWPNICCYPH 
_struct_ref.pdbx_db_isoform            ? 
# 
_struct_ref_seq.align_id                      1 
_struct_ref_seq.ref_id                        1 
_struct_ref_seq.pdbx_PDB_id_code              1BDS 
_struct_ref_seq.pdbx_strand_id                A 
_struct_ref_seq.seq_align_beg                 1 
_struct_ref_seq.pdbx_seq_align_beg_ins_code   ? 
_struct_ref_seq.seq_align_end                 43 
_struct_ref_seq.pdbx_seq_align_end_ins_code   ? 
_struct_ref_seq.pdbx_db_accession             P11494 
_struct_ref_seq.db_align_beg                  1 
_struct_ref_seq.pdbx_db_align_beg_ins_code    ? 
_struct_ref_seq.db_align_end                  43 
_struct_ref_seq.pdbx_db_align_end_ins_code    ? 
_struct_ref_seq.pdbx_auth_seq_align_beg       1 
_struct_ref_seq.pdbx_auth_seq_align_end       43 
# 
_pdbx_struct_assembly.id                   1 
_pdbx_struct_assembly.details              author_defined_assembly 
_pdbx_struct_assembly.method_details       ? 
_pdbx_struct_assembly.oligomeric_details   monomeric 
_pdbx_struct_assembly.oligomeric_count     1 
# 
_pdbx_struct_assembly_gen.assembly_id       1 
_pdbx_struct_assembly_gen.oper_expression   1 
_pdbx_struct_assembly_gen.asym_id_list      A 
# 
_pdbx_struct_oper_list.id                   1 
_pdbx_struct_oper_list.type                 'identity operation' 
_pdbx_struct_oper_list.name                 1_555 
_pdbx_struct_oper_list.symmetry_operation   ? 
_pdbx_struct_oper_list.matrix[1][1]         1.0000000000 
_pdbx_struct_oper_list.matrix[1][2]         0.0000000000 
_pdbx_struct_oper_list.matrix[1][3]         0.0000000000 
_pdbx_struct_oper_list.vector[1]            0.0000000000 
_pdbx_struct_oper_list.matrix[2][1]         0.0000000000 
_pdbx_struct_oper_list.matrix[2][2]         1.0000000000 
_pdbx_struct_oper_list.matrix[2][3]         0.0000000000 
_pdbx_struct_oper_list.vector[2]            0.0000000000 
_pdbx_struct_oper_list.matrix[3][1]         0.0000000000 
_pdbx_struct_oper_list.matrix[3][2]         0.0000000000 
_pdbx_struct_oper_list.matrix[3][3]         1.0000000000 
_pdbx_struct_oper_list.vector[3]            0.0000000000 
# 
_struct_biol.id   1 
# 
loop_
_struct_conn.id 
_struct_conn.conn_type_id 
_struct_conn.pdbx_leaving_atom_flag 
_struct_conn.pdbx_PDB_id 
_struct_conn.ptnr1_label_asym_id 
_struct_conn.ptnr1_label_comp_id 
_struct_conn.ptnr1_label_seq_id 
_struct_conn.ptnr1_label_atom_id 
_struct_conn.pdbx_ptnr1_label_alt_id 
_struct_conn.pdbx_ptnr1_PDB_ins_code 
_struct_conn.pdbx_ptnr1_standard_comp_id 
_struct_conn.ptnr1_symmetry 
_struct_conn.ptnr2_label_asym_id 
_struct_conn.ptnr2_label_comp_id 
_struct_conn.ptnr2_label_seq_id 
_struct_conn.ptnr2_label_atom_id 
_struct_conn.pdbx_ptnr2_label_alt_id 
_struct_conn.pdbx_ptnr2_PDB_ins_code 
_struct_conn.ptnr1_auth_asym_id 
_struct_conn.ptnr1_auth_comp_id 
_struct_conn.ptnr1_auth_seq_id 
_struct_conn.ptnr2_auth_asym_id 
_struct_conn.ptnr2_auth_comp_id 
_struct_conn.ptnr2_auth_seq_id 
_struct_conn.ptnr2_symmetry 
_struct_conn.pdbx_ptnr3_label_atom_id 
_struct_conn.pdbx_ptnr3_label_seq_id 
_struct_conn.pdbx_ptnr3_label_comp_id 
_struct_conn.pdbx_ptnr3_label_asym_id 
_struct_conn.pdbx_ptnr3_label_alt_id 
_struct_conn.pdbx_ptnr3_PDB_ins_code 
_struct_conn.details 
_struct_conn.pdbx_dist_value 
_struct_conn.pdbx_value_order 
_struct_conn.pdbx_role 
disulf1 disulf ? ? A CYS 4  SG ? ? ? 1_555 A CYS 39 SG ? ? A CYS 4  A CYS 39 1_555 ? ? ? ? ? ? ? 2.017 ? ? 
disulf2 disulf ? ? A CYS 6  SG ? ? ? 1_555 A CYS 32 SG ? ? A CYS 6  A CYS 32 1_555 ? ? ? ? ? ? ? 2.026 ? ? 
disulf3 disulf ? ? A CYS 22 SG ? ? ? 1_555 A CYS 40 SG ? ? A CYS 22 A CYS 40 1_555 ? ? ? ? ? ? ? 2.023 ? ? 
# 
_struct_conn_type.id          disulf 
_struct_conn_type.criteria    ? 
_struct_conn_type.reference   ? 
# 
loop_
_pdbx_modification_feature.ordinal 
_pdbx_modification_feature.label_comp_id 
_pdbx_modification_feature.label_asym_id 
_pdbx_modification_feature.label_seq_id 
_pdbx_modification_feature.label_alt_id 
_pdbx_modification_feature.modified_residue_label_comp_id 
_pdbx_modification_feature.modified_residue_label_asym_id 
_pdbx_modification_feature.modified_residue_label_seq_id 
_pdbx_modification_feature.modified_residue_label_alt_id 
_pdbx_modification_feature.auth_comp_id 
_pdbx_modification_feature.auth_asym_id 
_pdbx_modification_feature.auth_seq_id 
_pdbx_modification_feature.PDB_ins_code 
_pdbx_modification_feature.symmetry 
_pdbx_modification_feature.modified_residue_auth_comp_id 
_pdbx_modification_feature.modified_residue_auth_asym_id 
_pdbx_modification_feature.modified_residue_auth_seq_id 
_pdbx_modification_feature.modified_residue_PDB_ins_code 
_pdbx_modification_feature.modified_residue_symmetry 
_pdbx_modification_feature.comp_id_linking_atom 
_pdbx_modification_feature.modified_residue_id_linking_atom 
_pdbx_modification_feature.modified_residue_id 
_pdbx_modification_feature.ref_pcm_id 
_pdbx_modification_feature.ref_comp_id 
_pdbx_modification_feature.type 
_pdbx_modification_feature.category 
1 CYS A 4  ? CYS A 39 ? CYS A 4  ? 1_555 CYS A 39 ? 1_555 SG SG . . . None 'Disulfide bridge' 
2 CYS A 6  ? CYS A 32 ? CYS A 6  ? 1_555 CYS A 32 ? 1_555 SG SG . . . None 'Disulfide bridge' 
3 CYS A 22 ? CYS A 40 ? CYS A 22 ? 1_555 CYS A 40 ? 1_555 SG SG . . . None 'Disulfide bridge' 
# 
loop_
_struct_mon_prot_cis.pdbx_id 
_struct_mon_prot_cis.label_comp_id 
_struct_mon_prot_cis.label_seq_id 
_struct_mon_prot_cis.label_asym_id 
_struct_mon_prot_cis.label_alt_id 
_struct_mon_prot_cis.pdbx_PDB_ins_code 
_struct_mon_prot_cis.auth_comp_id 
_struct_mon_prot_cis.auth_seq_id 
_struct_mon_prot_cis.auth_asym_id 
_struct_mon_prot_cis.pdbx_label_comp_id_2 
_struct_mon_prot_cis.pdbx_label_seq_id_2 
_struct_mon_prot_cis.pdbx_label_asym_id_2 
_struct_mon_prot_cis.pdbx_PDB_ins_code_2 
_struct_mon_prot_cis.pdbx_auth_comp_id_2 
_struct_mon_prot_cis.pdbx_auth_seq_id_2 
_struct_mon_prot_cis.pdbx_auth_asym_id_2 
_struct_mon_prot_cis.pdbx_PDB_model_num 
_struct_mon_prot_cis.pdbx_omega_angle 
1 TRP 35 A . ? TRP 35 A PRO 36 A ? PRO 36 A 1 -7.56 
2 TYR 41 A . ? TYR 41 A PRO 42 A ? PRO 42 A 1 6.48  
# 
_struct_sheet.id               A 
_struct_sheet.type             ? 
_struct_sheet.number_strands   3 
_struct_sheet.details          ? 
# 
loop_
_struct_sheet_order.sheet_id 
_struct_sheet_order.range_id_1 
_struct_sheet_order.range_id_2 
_struct_sheet_order.offset 
_struct_sheet_order.sense 
A 1 2 ? anti-parallel 
A 2 3 ? anti-parallel 
# 
loop_
_struct_sheet_range.sheet_id 
_struct_sheet_range.id 
_struct_sheet_range.beg_label_comp_id 
_struct_sheet_range.beg_label_asym_id 
_struct_sheet_range.beg_label_seq_id 
_struct_sheet_range.pdbx_beg_PDB_ins_code 
_struct_sheet_range.end_label_comp_id 
_struct_sheet_range.end_label_asym_id 
_struct_sheet_range.end_label_seq_id 
_struct_sheet_range.pdbx_end_PDB_ins_code 
_struct_sheet_range.beg_auth_comp_id 
_struct_sheet_range.beg_auth_asym_id 
_struct_sheet_range.beg_auth_seq_id 
_struct_sheet_range.end_auth_comp_id 
_struct_sheet_range.end_auth_asym_id 
_struct_sheet_range.end_auth_seq_id 
A 1 ASP A 14 ? ILE A 17 ? ASP A 14 ILE A 17 
A 2 ASN A 37 ? TYR A 41 ? ASN A 37 TYR A 41 
A 3 SER A 30 ? LYS A 34 ? SER A 30 LYS A 34 
# 
_pdbx_entry_details.entry_id                   1BDS 
_pdbx_entry_details.compound_details           ? 
_pdbx_entry_details.source_details             ? 
_pdbx_entry_details.nonpolymer_details         ? 
_pdbx_entry_details.sequence_details           ? 
_pdbx_entry_details.has_ligand_of_interest     ? 
_pdbx_entry_details.has_protein_modification   Y 
# 
loop_
_pdbx_validate_rmsd_bond.id 
_pdbx_validate_rmsd_bond.PDB_model_num 
_pdbx_validate_rmsd_bond.auth_atom_id_1 
_pdbx_validate_rmsd_bond.auth_asym_id_1 
_pdbx_validate_rmsd_bond.auth_comp_id_1 
_pdbx_validate_rmsd_bond.auth_seq_id_1 
_pdbx_validate_rmsd_bond.PDB_ins_code_1 
_pdbx_validate_rmsd_bond.label_alt_id_1 
_pdbx_validate_rmsd_bond.auth_atom_id_2 
_pdbx_validate_rmsd_bond.auth_asym_id_2 
_pdbx_validate_rmsd_bond.auth_comp_id_2 
_pdbx_validate_rmsd_bond.auth_seq_id_2 
_pdbx_validate_rmsd_bond.PDB_ins_code_2 
_pdbx_validate_rmsd_bond.label_alt_id_2 
_pdbx_validate_rmsd_bond.bond_value 
_pdbx_validate_rmsd_bond.bond_target_value 
_pdbx_validate_rmsd_bond.bond_deviation 
_pdbx_validate_rmsd_bond.bond_standard_deviation 
_pdbx_validate_rmsd_bond.linker_flag 
1 1 CG A TRP 16 ? ? CD2 A TRP 16 ? ? 1.303 1.432 -0.129 0.017 N 
2 1 CG A TRP 35 ? ? CD2 A TRP 35 ? ? 1.318 1.432 -0.114 0.017 N 
3 1 CG A HIS 43 ? ? ND1 A HIS 43 ? ? 1.244 1.369 -0.125 0.015 N 
# 
loop_
_pdbx_validate_rmsd_angle.id 
_pdbx_validate_rmsd_angle.PDB_model_num 
_pdbx_validate_rmsd_angle.auth_atom_id_1 
_pdbx_validate_rmsd_angle.auth_asym_id_1 
_pdbx_validate_rmsd_angle.auth_comp_id_1 
_pdbx_validate_rmsd_angle.auth_seq_id_1 
_pdbx_validate_rmsd_angle.PDB_ins_code_1 
_pdbx_validate_rmsd_angle.label_alt_id_1 
_pdbx_validate_rmsd_angle.auth_atom_id_2 
_pdbx_validate_rmsd_angle.auth_asym_id_2 
_pdbx_validate_rmsd_angle.auth_comp_id_2 
_pdbx_validate_rmsd_angle.auth_seq_id_2 
_pdbx_validate_rmsd_angle.PDB_ins_code_2 
_pdbx_validate_rmsd_angle.label_alt_id_2 
_pdbx_validate_rmsd_angle.auth_atom_id_3 
_pdbx_validate_rmsd_angle.auth_asym_id_3 
_pdbx_validate_rmsd_angle.auth_comp_id_3 
_pdbx_validate_rmsd_angle.auth_seq_id_3 
_pdbx_validate_rmsd_angle.PDB_ins_code_3 
_pdbx_validate_rmsd_angle.label_alt_id_3 
_pdbx_validate_rmsd_angle.angle_value 
_pdbx_validate_rmsd_angle.angle_target_value 
_pdbx_validate_rmsd_angle.angle_deviation 
_pdbx_validate_rmsd_angle.angle_standard_deviation 
_pdbx_validate_rmsd_angle.linker_flag 
1 1 CD1 A TRP 16 ? ? CG  A TRP 16 ? ? CD2 A TRP 16 ? ? 111.30 106.30 5.00  0.80 N 
2 1 CG  A TRP 16 ? ? CD1 A TRP 16 ? ? NE1 A TRP 16 ? ? 102.85 110.10 -7.25 1.00 N 
3 1 CD1 A TRP 16 ? ? NE1 A TRP 16 ? ? CE2 A TRP 16 ? ? 114.40 109.00 5.40  0.90 N 
4 1 NE1 A TRP 16 ? ? CE2 A TRP 16 ? ? CZ2 A TRP 16 ? ? 140.53 130.40 10.13 1.10 N 
5 1 NE1 A TRP 16 ? ? CE2 A TRP 16 ? ? CD2 A TRP 16 ? ? 99.88  107.30 -7.42 1.00 N 
6 1 CG  A TRP 16 ? ? CD2 A TRP 16 ? ? CE3 A TRP 16 ? ? 127.89 133.90 -6.01 0.90 N 
7 1 CG  A TRP 35 ? ? CD1 A TRP 35 ? ? NE1 A TRP 35 ? ? 103.75 110.10 -6.35 1.00 N 
8 1 NE1 A TRP 35 ? ? CE2 A TRP 35 ? ? CZ2 A TRP 35 ? ? 139.80 130.40 9.40  1.10 N 
9 1 NE1 A TRP 35 ? ? CE2 A TRP 35 ? ? CD2 A TRP 35 ? ? 100.17 107.30 -7.13 1.00 N 
# 
loop_
_pdbx_validate_torsion.id 
_pdbx_validate_torsion.PDB_model_num 
_pdbx_validate_torsion.auth_comp_id 
_pdbx_validate_torsion.auth_asym_id 
_pdbx_validate_torsion.auth_seq_id 
_pdbx_validate_torsion.PDB_ins_code 
_pdbx_validate_torsion.label_alt_id 
_pdbx_validate_torsion.phi 
_pdbx_validate_torsion.psi 
1 1 PRO A 3  ? ? -78.66  20.70   
2 1 PRO A 10 ? ? -67.48  -161.55 
3 1 ILE A 17 ? ? -94.78  -153.52 
4 1 LEU A 18 ? ? -67.72  78.73   
5 1 THR A 29 ? ? -160.53 -38.20  
6 1 PRO A 36 ? ? -78.66  39.10   
# 
_pdbx_validate_peptide_omega.id               1 
_pdbx_validate_peptide_omega.PDB_model_num    1 
_pdbx_validate_peptide_omega.auth_comp_id_1   ALA 
_pdbx_validate_peptide_omega.auth_asym_id_1   A 
_pdbx_validate_peptide_omega.auth_seq_id_1    1 
_pdbx_validate_peptide_omega.PDB_ins_code_1   ? 
_pdbx_validate_peptide_omega.label_alt_id_1   ? 
_pdbx_validate_peptide_omega.auth_comp_id_2   ALA 
_pdbx_validate_peptide_omega.auth_asym_id_2   A 
_pdbx_validate_peptide_omega.auth_seq_id_2    2 
_pdbx_validate_peptide_omega.PDB_ins_code_2   ? 
_pdbx_validate_peptide_omega.label_alt_id_2   ? 
_pdbx_validate_peptide_omega.omega            -149.71 
# 
loop_
_pdbx_validate_planes.id 
_pdbx_validate_planes.PDB_model_num 
_pdbx_validate_planes.auth_comp_id 
_pdbx_validate_planes.auth_asym_id 
_pdbx_validate_planes.auth_seq_id 
_pdbx_validate_planes.PDB_ins_code 
_pdbx_validate_planes.label_alt_id 
_pdbx_validate_planes.rmsd 
_pdbx_validate_planes.type 
1 1 ARG A 12 ? ? 0.305 'SIDE CHAIN' 
2 1 ARG A 19 ? ? 0.200 'SIDE CHAIN' 
# 
_pdbx_nmr_ensemble.entry_id                             1BDS 
_pdbx_nmr_ensemble.conformers_calculated_total_number   ? 
_pdbx_nmr_ensemble.conformers_submitted_total_number    1 
_pdbx_nmr_ensemble.conformer_selection_criteria         ? 
# 
_pdbx_nmr_refine.entry_id           1BDS 
_pdbx_nmr_refine.method             ? 
_pdbx_nmr_refine.details            
;REFINEMENT. THE METHOD USED TO DETERMINE AND REFINE THE
 STRUCTURE IS THE HYBRID METRIC MATRIX DISTANCE
 GEOMETRY-DYNAMICAL SIMULATED ANNEALING METHOD
 (M.NILGES, G.M.CLORE, A.M. GRONENBORN, FEBS LETT. 229,
 317-324 (1988)) USING THE PROGRAM XPLOR (A.T. BRUENGER,
 YALE UNIVERSITY, CT 06511).

 STRUCTURAL STATISTICS

 RMS DEVIATION FROM EXPERIMENTAL RESTRAINTS *(1)*

 RESTRAINT TYPE      NUMBER OF RESTRAINTS   RMS (ANGSTROMS)

 ALL                 513                    0.079
 INTERRESIDUE
  SHORT RANGE        150                    0.086
 INTERRESIDUE
  LONG RANGE         105                    0.100
 INTRARESIDUE        234                    0.065
 HBOND *(2)*          24                    0.043

 POTENTIAL ENERGY TERMS

 TYPE                 ENERGY (KCAL/MOL)

 F(NOE) *(3)*         160
 F(TOR) *(4)*          24
 F(REPEL) *(5)*        72

 LENNARD-JONES VAN DER WAALS ENERGY (E(L-J)) CALCULATED
 USING THE *CHARMM* EMPIRICAL ENERGY FUNCTION IS
 -117 KCAL/MOL.

 DEVIATIONS FROM IDEALIZED GEOMETRY *(6)*

 TYPE             TOTAL NUMBER        RMS DEVIATION

 BONDS             646                0.013 (ANGSTROMS)
 ANGLES           1157                2.517 (DEGREES)
 IMPROPERS         242                0.797 (DEGREES)

 NOTES.
 *(1)*  THE RMS DEVIATION FROM THE EXPERIMENTAL RESTRAINTS
        ARE CALCULATED WITH RESPECT TO THE UPPER AND
        LOWER LIMITS OF THE DISTANCE RESTRAINTS.  NONE OF
        THE STRUCTURES EXHIBITED VIOLATIONS GREATER THAN
        0.5 ANGSTROMS.
 *(2)*  FOR EACH BACKBONE HYDROGEN BOND THERE ARE TWO
        RESTRAINTS - R(NH-O) .LT. 2.3 ANGSTROMS AND
        R(N-O) .LT. 3.3 ANGSTROMS.  THE LOWER LIMITS
        ARE GIVEN BY THE SUM OF THE VAN DER WAALS RADII
        OF THE RELEVANT ATOMS.
 *(3)*  THE VALUES OF THE SQUARE-WELL NOE POTENTIAL
        F(NOE) ARE CALCULATED WITH A FORCE CONSTANT OF
        50 KCAL/MOL/ANGSTROM**2.
 *(4)*  THE VALUES OF F(PHI) ARE CALCULATED WITH A FORCE
        CONSTANT OF 200 KCAL/MOL/RAD**2. F(PHI) IS A
        SQUARE-WELL DIHEDRAL POTENTIAL WHICH IS USED TO
        RESTRICT THE RANGES OF 23 PHI AND 21 CHI1 TORSION
        ANGLES, AND THE OMEGA PEPTIDE BOND TORSION ANGLES
        OF THE FIVE PROLINE RESIDUES (PRO 36 AND 42 BEING
        RESTRAINED TO THE CIS CONFORMATION AND THE OTHERS
        TO TRANS).
 *(5)*  THE VALUE OF THE VAN DER WAALS REPULSION TERM
        F(REPEL) IS CALCULATED WITH A FORCE CONSTANT OF
        4 KCAL/MOL/ANGSTROM**4 WITH THE HARD SPHERE
        VAN DER WAALS RADII SET TO 0.8 TIMES THE STANDARD
        VALUES USED IN THE *CHARMM* EMPIRICAL ENERGY
        FUNCTION.
 *(6)*  THE IMPROPER TERMS SERVE TO MAINTAIN PLANARITY
        AND APPROPRIATE CHIRALITY.  THEY ALSO MAINTAIN THE
        PEPTIDE BONDS OF ALL RESIDUES (WITH THE EXCEPTION
        OF PROLINES) IN THE TRANS CONFORMATION.  IN THE
        DYNAMICAL SIMULATED ANNEALING CALCULATIONS, THE
        RESTRAINTS FOR THE DISULFIDE BRIDGES ARE INCLUDED
        IN THE BOND AND ANGLE TERMS.

A TOTAL OF 42 STRUCTURES CONSISTENT WITH THE NMR DATA
WERE CALCULATED.  THIS ENTRY REPRESENTS THE COORDINATES
OBTAINED BY AVERAGING THE COORDINATES OF THE INDIVIDUAL
STRUCTURES AND SUBJECTING THE RESULTING COORDINATES TO
FURTHER RESTRAINED MINIMIZATION.  THE COORDINATES OF THESE
42 STRUCTURES ARE GIVEN IN THE PDB ENTRY *2BDS*.

THE THERMAL PARAMETERS GIVEN IN THIS ENTRY REPRESENT THE
ATOMIC RMS DEVIATION OF THE INDIVIDUAL STRUCTURES ABOUT
THE MEAN COORDINATE POSITIONS.

ALL THE INTERPROTON DISTANCE AND TORSION ANGLE RESTRAINTS
ARE AVAILABLE IN THE PDB NMR RESTRAINT FILE.
;
_pdbx_nmr_refine.software_ordinal   1 
# 
_pdbx_nmr_software.classification   refinement 
_pdbx_nmr_software.name             XPLOR 
_pdbx_nmr_software.version          ? 
_pdbx_nmr_software.authors          BRUNGER 
_pdbx_nmr_software.ordinal          1 
# 
loop_
_chem_comp_atom.comp_id 
_chem_comp_atom.atom_id 
_chem_comp_atom.type_symbol 
_chem_comp_atom.pdbx_aromatic_flag 
_chem_comp_atom.pdbx_stereo_config 
_chem_comp_atom.pdbx_ordinal 
ALA N    N N N 1   
ALA CA   C N S 2   
ALA C    C N N 3   
ALA O    O N N 4   
ALA CB   C N N 5   
ALA OXT  O N N 6   
ALA H    H N N 7   
ALA H2   H N N 8   
ALA HA   H N N 9   
ALA HB1  H N N 10  
ALA HB2  H N N 11  
ALA HB3  H N N 12  
ALA HXT  H N N 13  
ARG N    N N N 14  
ARG CA   C N S 15  
ARG C    C N N 16  
ARG O    O N N 17  
ARG CB   C N N 18  
ARG CG   C N N 19  
ARG CD   C N N 20  
ARG NE   N N N 21  
ARG CZ   C N N 22  
ARG NH1  N N N 23  
ARG NH2  N N N 24  
ARG OXT  O N N 25  
ARG H    H N N 26  
ARG H2   H N N 27  
ARG HA   H N N 28  
ARG HB2  H N N 29  
ARG HB3  H N N 30  
ARG HG2  H N N 31  
ARG HG3  H N N 32  
ARG HD2  H N N 33  
ARG HD3  H N N 34  
ARG HE   H N N 35  
ARG HH11 H N N 36  
ARG HH12 H N N 37  
ARG HH21 H N N 38  
ARG HH22 H N N 39  
ARG HXT  H N N 40  
ASN N    N N N 41  
ASN CA   C N S 42  
ASN C    C N N 43  
ASN O    O N N 44  
ASN CB   C N N 45  
ASN CG   C N N 46  
ASN OD1  O N N 47  
ASN ND2  N N N 48  
ASN OXT  O N N 49  
ASN H    H N N 50  
ASN H2   H N N 51  
ASN HA   H N N 52  
ASN HB2  H N N 53  
ASN HB3  H N N 54  
ASN HD21 H N N 55  
ASN HD22 H N N 56  
ASN HXT  H N N 57  
ASP N    N N N 58  
ASP CA   C N S 59  
ASP C    C N N 60  
ASP O    O N N 61  
ASP CB   C N N 62  
ASP CG   C N N 63  
ASP OD1  O N N 64  
ASP OD2  O N N 65  
ASP OXT  O N N 66  
ASP H    H N N 67  
ASP H2   H N N 68  
ASP HA   H N N 69  
ASP HB2  H N N 70  
ASP HB3  H N N 71  
ASP HD2  H N N 72  
ASP HXT  H N N 73  
CYS N    N N N 74  
CYS CA   C N R 75  
CYS C    C N N 76  
CYS O    O N N 77  
CYS CB   C N N 78  
CYS SG   S N N 79  
CYS OXT  O N N 80  
CYS H    H N N 81  
CYS H2   H N N 82  
CYS HA   H N N 83  
CYS HB2  H N N 84  
CYS HB3  H N N 85  
CYS HG   H N N 86  
CYS HXT  H N N 87  
GLY N    N N N 88  
GLY CA   C N N 89  
GLY C    C N N 90  
GLY O    O N N 91  
GLY OXT  O N N 92  
GLY H    H N N 93  
GLY H2   H N N 94  
GLY HA2  H N N 95  
GLY HA3  H N N 96  
GLY HXT  H N N 97  
HIS N    N N N 98  
HIS CA   C N S 99  
HIS C    C N N 100 
HIS O    O N N 101 
HIS CB   C N N 102 
HIS CG   C Y N 103 
HIS ND1  N Y N 104 
HIS CD2  C Y N 105 
HIS CE1  C Y N 106 
HIS NE2  N Y N 107 
HIS OXT  O N N 108 
HIS H    H N N 109 
HIS H2   H N N 110 
HIS HA   H N N 111 
HIS HB2  H N N 112 
HIS HB3  H N N 113 
HIS HD1  H N N 114 
HIS HD2  H N N 115 
HIS HE1  H N N 116 
HIS HE2  H N N 117 
HIS HXT  H N N 118 
ILE N    N N N 119 
ILE CA   C N S 120 
ILE C    C N N 121 
ILE O    O N N 122 
ILE CB   C N S 123 
ILE CG1  C N N 124 
ILE CG2  C N N 125 
ILE CD1  C N N 126 
ILE OXT  O N N 127 
ILE H    H N N 128 
ILE H2   H N N 129 
ILE HA   H N N 130 
ILE HB   H N N 131 
ILE HG12 H N N 132 
ILE HG13 H N N 133 
ILE HG21 H N N 134 
ILE HG22 H N N 135 
ILE HG23 H N N 136 
ILE HD11 H N N 137 
ILE HD12 H N N 138 
ILE HD13 H N N 139 
ILE HXT  H N N 140 
LEU N    N N N 141 
LEU CA   C N S 142 
LEU C    C N N 143 
LEU O    O N N 144 
LEU CB   C N N 145 
LEU CG   C N N 146 
LEU CD1  C N N 147 
LEU CD2  C N N 148 
LEU OXT  O N N 149 
LEU H    H N N 150 
LEU H2   H N N 151 
LEU HA   H N N 152 
LEU HB2  H N N 153 
LEU HB3  H N N 154 
LEU HG   H N N 155 
LEU HD11 H N N 156 
LEU HD12 H N N 157 
LEU HD13 H N N 158 
LEU HD21 H N N 159 
LEU HD22 H N N 160 
LEU HD23 H N N 161 
LEU HXT  H N N 162 
LYS N    N N N 163 
LYS CA   C N S 164 
LYS C    C N N 165 
LYS O    O N N 166 
LYS CB   C N N 167 
LYS CG   C N N 168 
LYS CD   C N N 169 
LYS CE   C N N 170 
LYS NZ   N N N 171 
LYS OXT  O N N 172 
LYS H    H N N 173 
LYS H2   H N N 174 
LYS HA   H N N 175 
LYS HB2  H N N 176 
LYS HB3  H N N 177 
LYS HG2  H N N 178 
LYS HG3  H N N 179 
LYS HD2  H N N 180 
LYS HD3  H N N 181 
LYS HE2  H N N 182 
LYS HE3  H N N 183 
LYS HZ1  H N N 184 
LYS HZ2  H N N 185 
LYS HZ3  H N N 186 
LYS HXT  H N N 187 
PHE N    N N N 188 
PHE CA   C N S 189 
PHE C    C N N 190 
PHE O    O N N 191 
PHE CB   C N N 192 
PHE CG   C Y N 193 
PHE CD1  C Y N 194 
PHE CD2  C Y N 195 
PHE CE1  C Y N 196 
PHE CE2  C Y N 197 
PHE CZ   C Y N 198 
PHE OXT  O N N 199 
PHE H    H N N 200 
PHE H2   H N N 201 
PHE HA   H N N 202 
PHE HB2  H N N 203 
PHE HB3  H N N 204 
PHE HD1  H N N 205 
PHE HD2  H N N 206 
PHE HE1  H N N 207 
PHE HE2  H N N 208 
PHE HZ   H N N 209 
PHE HXT  H N N 210 
PRO N    N N N 211 
PRO CA   C N S 212 
PRO C    C N N 213 
PRO O    O N N 214 
PRO CB   C N N 215 
PRO CG   C N N 216 
PRO CD   C N N 217 
PRO OXT  O N N 218 
PRO H    H N N 219 
PRO HA   H N N 220 
PRO HB2  H N N 221 
PRO HB3  H N N 222 
PRO HG2  H N N 223 
PRO HG3  H N N 224 
PRO HD2  H N N 225 
PRO HD3  H N N 226 
PRO HXT  H N N 227 
SER N    N N N 228 
SER CA   C N S 229 
SER C    C N N 230 
SER O    O N N 231 
SER CB   C N N 232 
SER OG   O N N 233 
SER OXT  O N N 234 
SER H    H N N 235 
SER H2   H N N 236 
SER HA   H N N 237 
SER HB2  H N N 238 
SER HB3  H N N 239 
SER HG   H N N 240 
SER HXT  H N N 241 
THR N    N N N 242 
THR CA   C N S 243 
THR C    C N N 244 
THR O    O N N 245 
THR CB   C N R 246 
THR OG1  O N N 247 
THR CG2  C N N 248 
THR OXT  O N N 249 
THR H    H N N 250 
THR H2   H N N 251 
THR HA   H N N 252 
THR HB   H N N 253 
THR HG1  H N N 254 
THR HG21 H N N 255 
THR HG22 H N N 256 
THR HG23 H N N 257 
THR HXT  H N N 258 
TRP N    N N N 259 
TRP CA   C N S 260 
TRP C    C N N 261 
TRP O    O N N 262 
TRP CB   C N N 263 
TRP CG   C Y N 264 
TRP CD1  C Y N 265 
TRP CD2  C Y N 266 
TRP NE1  N Y N 267 
TRP CE2  C Y N 268 
TRP CE3  C Y N 269 
TRP CZ2  C Y N 270 
TRP CZ3  C Y N 271 
TRP CH2  C Y N 272 
TRP OXT  O N N 273 
TRP H    H N N 274 
TRP H2   H N N 275 
TRP HA   H N N 276 
TRP HB2  H N N 277 
TRP HB3  H N N 278 
TRP HD1  H N N 279 
TRP HE1  H N N 280 
TRP HE3  H N N 281 
TRP HZ2  H N N 282 
TRP HZ3  H N N 283 
TRP HH2  H N N 284 
TRP HXT  H N N 285 
TYR N    N N N 286 
TYR CA   C N S 287 
TYR C    C N N 288 
TYR O    O N N 289 
TYR CB   C N N 290 
TYR CG   C Y N 291 
TYR CD1  C Y N 292 
TYR CD2  C Y N 293 
TYR CE1  C Y N 294 
TYR CE2  C Y N 295 
TYR CZ   C Y N 296 
TYR OH   O N N 297 
TYR OXT  O N N 298 
TYR H    H N N 299 
TYR H2   H N N 300 
TYR HA   H N N 301 
TYR HB2  H N N 302 
TYR HB3  H N N 303 
TYR HD1  H N N 304 
TYR HD2  H N N 305 
TYR HE1  H N N 306 
TYR HE2  H N N 307 
TYR HH   H N N 308 
TYR HXT  H N N 309 
# 
loop_
_chem_comp_bond.comp_id 
_chem_comp_bond.atom_id_1 
_chem_comp_bond.atom_id_2 
_chem_comp_bond.value_order 
_chem_comp_bond.pdbx_aromatic_flag 
_chem_comp_bond.pdbx_stereo_config 
_chem_comp_bond.pdbx_ordinal 
ALA N   CA   sing N N 1   
ALA N   H    sing N N 2   
ALA N   H2   sing N N 3   
ALA CA  C    sing N N 4   
ALA CA  CB   sing N N 5   
ALA CA  HA   sing N N 6   
ALA C   O    doub N N 7   
ALA C   OXT  sing N N 8   
ALA CB  HB1  sing N N 9   
ALA CB  HB2  sing N N 10  
ALA CB  HB3  sing N N 11  
ALA OXT HXT  sing N N 12  
ARG N   CA   sing N N 13  
ARG N   H    sing N N 14  
ARG N   H2   sing N N 15  
ARG CA  C    sing N N 16  
ARG CA  CB   sing N N 17  
ARG CA  HA   sing N N 18  
ARG C   O    doub N N 19  
ARG C   OXT  sing N N 20  
ARG CB  CG   sing N N 21  
ARG CB  HB2  sing N N 22  
ARG CB  HB3  sing N N 23  
ARG CG  CD   sing N N 24  
ARG CG  HG2  sing N N 25  
ARG CG  HG3  sing N N 26  
ARG CD  NE   sing N N 27  
ARG CD  HD2  sing N N 28  
ARG CD  HD3  sing N N 29  
ARG NE  CZ   sing N N 30  
ARG NE  HE   sing N N 31  
ARG CZ  NH1  sing N N 32  
ARG CZ  NH2  doub N N 33  
ARG NH1 HH11 sing N N 34  
ARG NH1 HH12 sing N N 35  
ARG NH2 HH21 sing N N 36  
ARG NH2 HH22 sing N N 37  
ARG OXT HXT  sing N N 38  
ASN N   CA   sing N N 39  
ASN N   H    sing N N 40  
ASN N   H2   sing N N 41  
ASN CA  C    sing N N 42  
ASN CA  CB   sing N N 43  
ASN CA  HA   sing N N 44  
ASN C   O    doub N N 45  
ASN C   OXT  sing N N 46  
ASN CB  CG   sing N N 47  
ASN CB  HB2  sing N N 48  
ASN CB  HB3  sing N N 49  
ASN CG  OD1  doub N N 50  
ASN CG  ND2  sing N N 51  
ASN ND2 HD21 sing N N 52  
ASN ND2 HD22 sing N N 53  
ASN OXT HXT  sing N N 54  
ASP N   CA   sing N N 55  
ASP N   H    sing N N 56  
ASP N   H2   sing N N 57  
ASP CA  C    sing N N 58  
ASP CA  CB   sing N N 59  
ASP CA  HA   sing N N 60  
ASP C   O    doub N N 61  
ASP C   OXT  sing N N 62  
ASP CB  CG   sing N N 63  
ASP CB  HB2  sing N N 64  
ASP CB  HB3  sing N N 65  
ASP CG  OD1  doub N N 66  
ASP CG  OD2  sing N N 67  
ASP OD2 HD2  sing N N 68  
ASP OXT HXT  sing N N 69  
CYS N   CA   sing N N 70  
CYS N   H    sing N N 71  
CYS N   H2   sing N N 72  
CYS CA  C    sing N N 73  
CYS CA  CB   sing N N 74  
CYS CA  HA   sing N N 75  
CYS C   O    doub N N 76  
CYS C   OXT  sing N N 77  
CYS CB  SG   sing N N 78  
CYS CB  HB2  sing N N 79  
CYS CB  HB3  sing N N 80  
CYS SG  HG   sing N N 81  
CYS OXT HXT  sing N N 82  
GLY N   CA   sing N N 83  
GLY N   H    sing N N 84  
GLY N   H2   sing N N 85  
GLY CA  C    sing N N 86  
GLY CA  HA2  sing N N 87  
GLY CA  HA3  sing N N 88  
GLY C   O    doub N N 89  
GLY C   OXT  sing N N 90  
GLY OXT HXT  sing N N 91  
HIS N   CA   sing N N 92  
HIS N   H    sing N N 93  
HIS N   H2   sing N N 94  
HIS CA  C    sing N N 95  
HIS CA  CB   sing N N 96  
HIS CA  HA   sing N N 97  
HIS C   O    doub N N 98  
HIS C   OXT  sing N N 99  
HIS CB  CG   sing N N 100 
HIS CB  HB2  sing N N 101 
HIS CB  HB3  sing N N 102 
HIS CG  ND1  sing Y N 103 
HIS CG  CD2  doub Y N 104 
HIS ND1 CE1  doub Y N 105 
HIS ND1 HD1  sing N N 106 
HIS CD2 NE2  sing Y N 107 
HIS CD2 HD2  sing N N 108 
HIS CE1 NE2  sing Y N 109 
HIS CE1 HE1  sing N N 110 
HIS NE2 HE2  sing N N 111 
HIS OXT HXT  sing N N 112 
ILE N   CA   sing N N 113 
ILE N   H    sing N N 114 
ILE N   H2   sing N N 115 
ILE CA  C    sing N N 116 
ILE CA  CB   sing N N 117 
ILE CA  HA   sing N N 118 
ILE C   O    doub N N 119 
ILE C   OXT  sing N N 120 
ILE CB  CG1  sing N N 121 
ILE CB  CG2  sing N N 122 
ILE CB  HB   sing N N 123 
ILE CG1 CD1  sing N N 124 
ILE CG1 HG12 sing N N 125 
ILE CG1 HG13 sing N N 126 
ILE CG2 HG21 sing N N 127 
ILE CG2 HG22 sing N N 128 
ILE CG2 HG23 sing N N 129 
ILE CD1 HD11 sing N N 130 
ILE CD1 HD12 sing N N 131 
ILE CD1 HD13 sing N N 132 
ILE OXT HXT  sing N N 133 
LEU N   CA   sing N N 134 
LEU N   H    sing N N 135 
LEU N   H2   sing N N 136 
LEU CA  C    sing N N 137 
LEU CA  CB   sing N N 138 
LEU CA  HA   sing N N 139 
LEU C   O    doub N N 140 
LEU C   OXT  sing N N 141 
LEU CB  CG   sing N N 142 
LEU CB  HB2  sing N N 143 
LEU CB  HB3  sing N N 144 
LEU CG  CD1  sing N N 145 
LEU CG  CD2  sing N N 146 
LEU CG  HG   sing N N 147 
LEU CD1 HD11 sing N N 148 
LEU CD1 HD12 sing N N 149 
LEU CD1 HD13 sing N N 150 
LEU CD2 HD21 sing N N 151 
LEU CD2 HD22 sing N N 152 
LEU CD2 HD23 sing N N 153 
LEU OXT HXT  sing N N 154 
LYS N   CA   sing N N 155 
LYS N   H    sing N N 156 
LYS N   H2   sing N N 157 
LYS CA  C    sing N N 158 
LYS CA  CB   sing N N 159 
LYS CA  HA   sing N N 160 
LYS C   O    doub N N 161 
LYS C   OXT  sing N N 162 
LYS CB  CG   sing N N 163 
LYS CB  HB2  sing N N 164 
LYS CB  HB3  sing N N 165 
LYS CG  CD   sing N N 166 
LYS CG  HG2  sing N N 167 
LYS CG  HG3  sing N N 168 
LYS CD  CE   sing N N 169 
LYS CD  HD2  sing N N 170 
LYS CD  HD3  sing N N 171 
LYS CE  NZ   sing N N 172 
LYS CE  HE2  sing N N 173 
LYS CE  HE3  sing N N 174 
LYS NZ  HZ1  sing N N 175 
LYS NZ  HZ2  sing N N 176 
LYS NZ  HZ3  sing N N 177 
LYS OXT HXT  sing N N 178 
PHE N   CA   sing N N 179 
PHE N   H    sing N N 180 
PHE N   H2   sing N N 181 
PHE CA  C    sing N N 182 
PHE CA  CB   sing N N 183 
PHE CA  HA   sing N N 184 
PHE C   O    doub N N 185 
PHE C   OXT  sing N N 186 
PHE CB  CG   sing N N 187 
PHE CB  HB2  sing N N 188 
PHE CB  HB3  sing N N 189 
PHE CG  CD1  doub Y N 190 
PHE CG  CD2  sing Y N 191 
PHE CD1 CE1  sing Y N 192 
PHE CD1 HD1  sing N N 193 
PHE CD2 CE2  doub Y N 194 
PHE CD2 HD2  sing N N 195 
PHE CE1 CZ   doub Y N 196 
PHE CE1 HE1  sing N N 197 
PHE CE2 CZ   sing Y N 198 
PHE CE2 HE2  sing N N 199 
PHE CZ  HZ   sing N N 200 
PHE OXT HXT  sing N N 201 
PRO N   CA   sing N N 202 
PRO N   CD   sing N N 203 
PRO N   H    sing N N 204 
PRO CA  C    sing N N 205 
PRO CA  CB   sing N N 206 
PRO CA  HA   sing N N 207 
PRO C   O    doub N N 208 
PRO C   OXT  sing N N 209 
PRO CB  CG   sing N N 210 
PRO CB  HB2  sing N N 211 
PRO CB  HB3  sing N N 212 
PRO CG  CD   sing N N 213 
PRO CG  HG2  sing N N 214 
PRO CG  HG3  sing N N 215 
PRO CD  HD2  sing N N 216 
PRO CD  HD3  sing N N 217 
PRO OXT HXT  sing N N 218 
SER N   CA   sing N N 219 
SER N   H    sing N N 220 
SER N   H2   sing N N 221 
SER CA  C    sing N N 222 
SER CA  CB   sing N N 223 
SER CA  HA   sing N N 224 
SER C   O    doub N N 225 
SER C   OXT  sing N N 226 
SER CB  OG   sing N N 227 
SER CB  HB2  sing N N 228 
SER CB  HB3  sing N N 229 
SER OG  HG   sing N N 230 
SER OXT HXT  sing N N 231 
THR N   CA   sing N N 232 
THR N   H    sing N N 233 
THR N   H2   sing N N 234 
THR CA  C    sing N N 235 
THR CA  CB   sing N N 236 
THR CA  HA   sing N N 237 
THR C   O    doub N N 238 
THR C   OXT  sing N N 239 
THR CB  OG1  sing N N 240 
THR CB  CG2  sing N N 241 
THR CB  HB   sing N N 242 
THR OG1 HG1  sing N N 243 
THR CG2 HG21 sing N N 244 
THR CG2 HG22 sing N N 245 
THR CG2 HG23 sing N N 246 
THR OXT HXT  sing N N 247 
TRP N   CA   sing N N 248 
TRP N   H    sing N N 249 
TRP N   H2   sing N N 250 
TRP CA  C    sing N N 251 
TRP CA  CB   sing N N 252 
TRP CA  HA   sing N N 253 
TRP C   O    doub N N 254 
TRP C   OXT  sing N N 255 
TRP CB  CG   sing N N 256 
TRP CB  HB2  sing N N 257 
TRP CB  HB3  sing N N 258 
TRP CG  CD1  doub Y N 259 
TRP CG  CD2  sing Y N 260 
TRP CD1 NE1  sing Y N 261 
TRP CD1 HD1  sing N N 262 
TRP CD2 CE2  doub Y N 263 
TRP CD2 CE3  sing Y N 264 
TRP NE1 CE2  sing Y N 265 
TRP NE1 HE1  sing N N 266 
TRP CE2 CZ2  sing Y N 267 
TRP CE3 CZ3  doub Y N 268 
TRP CE3 HE3  sing N N 269 
TRP CZ2 CH2  doub Y N 270 
TRP CZ2 HZ2  sing N N 271 
TRP CZ3 CH2  sing Y N 272 
TRP CZ3 HZ3  sing N N 273 
TRP CH2 HH2  sing N N 274 
TRP OXT HXT  sing N N 275 
TYR N   CA   sing N N 276 
TYR N   H    sing N N 277 
TYR N   H2   sing N N 278 
TYR CA  C    sing N N 279 
TYR CA  CB   sing N N 280 
TYR CA  HA   sing N N 281 
TYR C   O    doub N N 282 
TYR C   OXT  sing N N 283 
TYR CB  CG   sing N N 284 
TYR CB  HB2  sing N N 285 
TYR CB  HB3  sing N N 286 
TYR CG  CD1  doub Y N 287 
TYR CG  CD2  sing Y N 288 
TYR CD1 CE1  sing Y N 289 
TYR CD1 HD1  sing N N 290 
TYR CD2 CE2  doub Y N 291 
TYR CD2 HD2  sing N N 292 
TYR CE1 CZ   doub Y N 293 
TYR CE1 HE1  sing N N 294 
TYR CE2 CZ   sing Y N 295 
TYR CE2 HE2  sing N N 296 
TYR CZ  OH   sing N N 297 
TYR OH  HH   sing N N 298 
TYR OXT HXT  sing N N 299 
# 
_atom_sites.entry_id                    1BDS 
_atom_sites.fract_transf_matrix[1][1]   1.000000 
_atom_sites.fract_transf_matrix[1][2]   0.000000 
_atom_sites.fract_transf_matrix[1][3]   0.000000 
_atom_sites.fract_transf_matrix[2][1]   0.000000 
_atom_sites.fract_transf_matrix[2][2]   1.000000 
_atom_sites.fract_transf_matrix[2][3]   0.000000 
_atom_sites.fract_transf_matrix[3][1]   0.000000 
_atom_sites.fract_transf_matrix[3][2]   0.000000 
_atom_sites.fract_transf_matrix[3][3]   1.000000 
_atom_sites.fract_transf_vector[1]      0.00000 
_atom_sites.fract_transf_vector[2]      0.00000 
_atom_sites.fract_transf_vector[3]      0.00000 
# 
_atom_sites_footnote.id     1 
_atom_sites_footnote.text   'RESIDUES PRO 36 AND PRO 42 ARE CIS PROLINES.' 
# 
loop_
_atom_type.symbol 
C 
H 
N 
O 
S 
# 
loop_
_atom_site.group_PDB 
_atom_site.id 
_atom_site.type_symbol 
_atom_site.label_atom_id 
_atom_site.label_alt_id 
_atom_site.label_comp_id 
_atom_site.label_asym_id 
_atom_site.label_entity_id 
_atom_site.label_seq_id 
_atom_site.pdbx_PDB_ins_code 
_atom_site.Cartn_x 
_atom_site.Cartn_y 
_atom_site.Cartn_z 
_atom_site.occupancy 
_atom_site.B_iso_or_equiv 
_atom_site.pdbx_formal_charge 
_atom_site.auth_seq_id 
_atom_site.auth_comp_id 
_atom_site.auth_asym_id 
_atom_site.auth_atom_id 
_atom_site.pdbx_PDB_model_num 
ATOM 1   N N    . ALA A 1 1  ? -5.081  -0.107  -9.036  1.00 1.47 ? 1  ALA A N    1 
ATOM 2   C CA   . ALA A 1 1  ? -3.730  -0.342  -8.452  1.00 1.09 ? 1  ALA A CA   1 
ATOM 3   C C    . ALA A 1 1  ? -3.609  -1.807  -8.021  1.00 0.88 ? 1  ALA A C    1 
ATOM 4   O O    . ALA A 1 1  ? -4.565  -2.556  -8.074  1.00 0.94 ? 1  ALA A O    1 
ATOM 5   C CB   . ALA A 1 1  ? -3.506  0.565   -7.237  1.00 0.82 ? 1  ALA A CB   1 
ATOM 6   H H1   . ALA A 1 1  ? -5.262  -0.807  -9.785  1.00 1.97 ? 1  ALA A H1   1 
ATOM 7   H H2   . ALA A 1 1  ? -5.801  -0.202  -8.292  1.00 1.72 ? 1  ALA A H2   1 
ATOM 8   H H3   . ALA A 1 1  ? -5.123  0.850   -9.439  1.00 1.94 ? 1  ALA A H3   1 
ATOM 9   H HA   . ALA A 1 1  ? -2.980  -0.134  -9.201  1.00 1.29 ? 1  ALA A HA   1 
ATOM 10  H HB1  . ALA A 1 1  ? -3.632  1.599   -7.523  1.00 1.22 ? 1  ALA A HB1  1 
ATOM 11  H HB2  . ALA A 1 1  ? -4.221  0.323   -6.466  1.00 1.20 ? 1  ALA A HB2  1 
ATOM 12  H HB3  . ALA A 1 1  ? -2.506  0.423   -6.852  1.00 1.42 ? 1  ALA A HB3  1 
ATOM 13  N N    . ALA A 1 2  ? -2.432  -2.186  -7.609  1.00 0.77 ? 2  ALA A N    1 
ATOM 14  C CA   . ALA A 1 2  ? -2.001  -3.601  -7.810  1.00 0.57 ? 2  ALA A CA   1 
ATOM 15  C C    . ALA A 1 2  ? -2.943  -4.565  -7.086  1.00 0.52 ? 2  ALA A C    1 
ATOM 16  O O    . ALA A 1 2  ? -3.690  -4.161  -6.221  1.00 0.71 ? 2  ALA A O    1 
ATOM 17  C CB   . ALA A 1 2  ? -0.635  -3.777  -7.182  1.00 0.67 ? 2  ALA A CB   1 
ATOM 18  H H    . ALA A 1 2  ? -1.832  -1.545  -7.175  1.00 0.91 ? 2  ALA A H    1 
ATOM 19  H HA   . ALA A 1 2  ? -1.957  -3.811  -8.859  1.00 0.50 ? 2  ALA A HA   1 
ATOM 20  H HB1  . ALA A 1 2  ? -0.615  -3.260  -6.233  1.00 1.23 ? 2  ALA A HB1  1 
ATOM 21  H HB2  . ALA A 1 2  ? -0.445  -4.826  -7.015  1.00 1.17 ? 2  ALA A HB2  1 
ATOM 22  H HB3  . ALA A 1 2  ? 0.119   -3.382  -7.826  1.00 1.31 ? 2  ALA A HB3  1 
ATOM 23  N N    . PRO A 1 3  ? -2.910  -5.833  -7.463  1.00 0.43 ? 3  PRO A N    1 
ATOM 24  C CA   . PRO A 1 3  ? -3.541  -6.859  -6.648  1.00 0.58 ? 3  PRO A CA   1 
ATOM 25  C C    . PRO A 1 3  ? -2.663  -7.234  -5.449  1.00 0.48 ? 3  PRO A C    1 
ATOM 26  O O    . PRO A 1 3  ? -2.814  -8.295  -4.875  1.00 0.55 ? 3  PRO A O    1 
ATOM 27  C CB   . PRO A 1 3  ? -3.687  -8.072  -7.572  1.00 0.73 ? 3  PRO A CB   1 
ATOM 28  C CG   . PRO A 1 3  ? -2.875  -7.766  -8.864  1.00 0.65 ? 3  PRO A CG   1 
ATOM 29  C CD   . PRO A 1 3  ? -2.401  -6.306  -8.767  1.00 0.42 ? 3  PRO A CD   1 
ATOM 30  H HA   . PRO A 1 3  ? -4.487  -6.513  -6.311  1.00 0.71 ? 3  PRO A HA   1 
ATOM 31  H HB2  . PRO A 1 3  ? -3.294  -8.952  -7.088  1.00 0.82 ? 3  PRO A HB2  1 
ATOM 32  H HB3  . PRO A 1 3  ? -4.726  -8.227  -7.815  1.00 0.88 ? 3  PRO A HB3  1 
ATOM 33  H HG2  . PRO A 1 3  ? -2.026  -8.428  -8.934  1.00 0.75 ? 3  PRO A HG2  1 
ATOM 34  H HG3  . PRO A 1 3  ? -3.505  -7.894  -9.733  1.00 0.76 ? 3  PRO A HG3  1 
ATOM 35  H HD2  . PRO A 1 3  ? -1.324  -6.248  -8.795  1.00 0.42 ? 3  PRO A HD2  1 
ATOM 36  H HD3  . PRO A 1 3  ? -2.835  -5.730  -9.571  1.00 0.45 ? 3  PRO A HD3  1 
ATOM 37  N N    . CYS A 1 4  ? -1.764  -6.359  -5.095  1.00 0.39 ? 4  CYS A N    1 
ATOM 38  C CA   . CYS A 1 4  ? -0.531  -6.836  -4.361  1.00 0.33 ? 4  CYS A CA   1 
ATOM 39  C C    . CYS A 1 4  ? -0.889  -7.020  -2.886  1.00 0.34 ? 4  CYS A C    1 
ATOM 40  O O    . CYS A 1 4  ? -1.374  -6.102  -2.261  1.00 0.34 ? 4  CYS A O    1 
ATOM 41  C CB   . CYS A 1 4  ? 0.591   -5.793  -4.405  1.00 0.34 ? 4  CYS A CB   1 
ATOM 42  S SG   . CYS A 1 4  ? 1.328   -5.361  -2.800  1.00 0.78 ? 4  CYS A SG   1 
ATOM 43  H H    . CYS A 1 4  ? -1.898  -5.419  -5.309  1.00 0.42 ? 4  CYS A H    1 
ATOM 44  H HA   . CYS A 1 4  ? -0.190  -7.758  -4.776  1.00 0.37 ? 4  CYS A HA   1 
ATOM 45  H HB2  . CYS A 1 4  ? 1.375   -6.133  -5.063  1.00 0.43 ? 4  CYS A HB2  1 
ATOM 46  H HB3  . CYS A 1 4  ? 0.187   -4.905  -4.817  1.00 0.54 ? 4  CYS A HB3  1 
ATOM 47  N N    . PHE A 1 5  ? -0.634  -8.165  -2.337  1.00 0.41 ? 5  PHE A N    1 
ATOM 48  C CA   . PHE A 1 5  ? -1.152  -8.421  -0.987  1.00 0.45 ? 5  PHE A CA   1 
ATOM 49  C C    . PHE A 1 5  ? -0.288  -7.705  0.058   1.00 0.50 ? 5  PHE A C    1 
ATOM 50  O O    . PHE A 1 5  ? 0.820   -7.296  -0.231  1.00 0.56 ? 5  PHE A O    1 
ATOM 51  C CB   . PHE A 1 5  ? -1.089  -9.913  -0.744  1.00 0.54 ? 5  PHE A CB   1 
ATOM 52  C CG   . PHE A 1 5  ? -1.295  -10.657 -2.066  1.00 0.58 ? 5  PHE A CG   1 
ATOM 53  C CD1  . PHE A 1 5  ? -0.216  -10.924 -2.895  1.00 0.80 ? 5  PHE A CD1  1 
ATOM 54  C CD2  . PHE A 1 5  ? -2.560  -11.079 -2.449  1.00 0.75 ? 5  PHE A CD2  1 
ATOM 55  C CE1  . PHE A 1 5  ? -0.401  -11.600 -4.081  1.00 0.93 ? 5  PHE A CE1  1 
ATOM 56  C CE2  . PHE A 1 5  ? -2.738  -11.756 -3.637  1.00 0.88 ? 5  PHE A CE2  1 
ATOM 57  C CZ   . PHE A 1 5  ? -1.661  -12.015 -4.451  1.00 0.88 ? 5  PHE A CZ   1 
ATOM 58  H H    . PHE A 1 5  ? -0.124  -8.850  -2.799  1.00 0.47 ? 5  PHE A H    1 
ATOM 59  H HA   . PHE A 1 5  ? -2.176  -8.070  -0.921  1.00 0.42 ? 5  PHE A HA   1 
ATOM 60  H HB2  . PHE A 1 5  ? -0.126  -10.174 -0.340  1.00 0.62 ? 5  PHE A HB2  1 
ATOM 61  H HB3  . PHE A 1 5  ? -1.852  -10.194 -0.057  1.00 0.60 ? 5  PHE A HB3  1 
ATOM 62  H HD1  . PHE A 1 5  ? 0.777   -10.601 -2.612  1.00 1.02 ? 5  PHE A HD1  1 
ATOM 63  H HD2  . PHE A 1 5  ? -3.410  -10.881 -1.811  1.00 0.95 ? 5  PHE A HD2  1 
ATOM 64  H HE1  . PHE A 1 5  ? 0.443   -11.806 -4.723  1.00 1.19 ? 5  PHE A HE1  1 
ATOM 65  H HE2  . PHE A 1 5  ? -3.726  -12.082 -3.929  1.00 1.15 ? 5  PHE A HE2  1 
ATOM 66  H HZ   . PHE A 1 5  ? -1.802  -12.545 -5.380  1.00 1.03 ? 5  PHE A HZ   1 
ATOM 67  N N    . CYS A 1 6  ? -0.814  -7.570  1.255   1.00 0.55 ? 6  CYS A N    1 
ATOM 68  C CA   . CYS A 1 6  ? -0.002  -6.988  2.365   1.00 0.64 ? 6  CYS A CA   1 
ATOM 69  C C    . CYS A 1 6  ? 0.206   -8.035  3.447   1.00 0.58 ? 6  CYS A C    1 
ATOM 70  O O    . CYS A 1 6  ? -0.246  -9.158  3.333   1.00 0.53 ? 6  CYS A O    1 
ATOM 71  C CB   . CYS A 1 6  ? -0.756  -5.810  2.983   1.00 0.68 ? 6  CYS A CB   1 
ATOM 72  S SG   . CYS A 1 6  ? -0.249  -4.114  2.555   1.00 1.04 ? 6  CYS A SG   1 
ATOM 73  H H    . CYS A 1 6  ? -1.736  -7.864  1.427   1.00 0.55 ? 6  CYS A H    1 
ATOM 74  H HA   . CYS A 1 6  ? 0.953   -6.662  1.993   1.00 0.80 ? 6  CYS A HA   1 
ATOM 75  H HB2  . CYS A 1 6  ? -1.783  -5.915  2.725   1.00 0.64 ? 6  CYS A HB2  1 
ATOM 76  H HB3  . CYS A 1 6  ? -0.693  -5.905  4.046   1.00 0.67 ? 6  CYS A HB3  1 
ATOM 77  N N    . SER A 1 7  ? 0.858   -7.640  4.485   1.00 0.67 ? 7  SER A N    1 
ATOM 78  C CA   . SER A 1 7  ? 1.370   -8.652  5.439   1.00 0.70 ? 7  SER A CA   1 
ATOM 79  C C    . SER A 1 7  ? 0.343   -8.911  6.529   1.00 0.66 ? 7  SER A C    1 
ATOM 80  O O    . SER A 1 7  ? 0.083   -8.063  7.360   1.00 0.76 ? 7  SER A O    1 
ATOM 81  C CB   . SER A 1 7  ? 2.670   -8.143  6.068   1.00 0.88 ? 7  SER A CB   1 
ATOM 82  O OG   . SER A 1 7  ? 2.244   -7.166  7.008   1.00 1.50 ? 7  SER A OG   1 
ATOM 83  H H    . SER A 1 7  ? 0.994   -6.685  4.644   1.00 0.76 ? 7  SER A H    1 
ATOM 84  H HA   . SER A 1 7  ? 1.552   -9.571  4.909   1.00 0.78 ? 7  SER A HA   1 
ATOM 85  H HB2  . SER A 1 7  ? 3.192   -8.945  6.571   1.00 1.39 ? 7  SER A HB2  1 
ATOM 86  H HB3  . SER A 1 7  ? 3.305   -7.690  5.321   1.00 1.35 ? 7  SER A HB3  1 
ATOM 87  H HG   . SER A 1 7  ? 2.859   -7.173  7.745   1.00 1.93 ? 7  SER A HG   1 
ATOM 88  N N    . GLY A 1 8  ? -0.225  -10.082 6.495   1.00 0.75 ? 8  GLY A N    1 
ATOM 89  C CA   . GLY A 1 8  ? -1.435  -10.336 7.320   1.00 0.90 ? 8  GLY A CA   1 
ATOM 90  C C    . GLY A 1 8  ? -2.698  -10.263 6.460   1.00 0.76 ? 8  GLY A C    1 
ATOM 91  O O    . GLY A 1 8  ? -3.677  -10.919 6.756   1.00 0.87 ? 8  GLY A O    1 
ATOM 92  H H    . GLY A 1 8  ? 0.141   -10.792 5.928   1.00 0.84 ? 8  GLY A H    1 
ATOM 93  H HA2  . GLY A 1 8  ? -1.362  -11.320 7.761   1.00 1.18 ? 8  GLY A HA2  1 
ATOM 94  H HA3  . GLY A 1 8  ? -1.496  -9.600  8.107   1.00 1.40 ? 8  GLY A HA3  1 
ATOM 95  N N    . LYS A 1 9  ? -2.659  -9.463  5.411   1.00 0.56 ? 9  LYS A N    1 
ATOM 96  C CA   . LYS A 1 9  ? -3.907  -9.203  4.658   1.00 0.48 ? 9  LYS A CA   1 
ATOM 97  C C    . LYS A 1 9  ? -3.863  -9.922  3.282   1.00 0.39 ? 9  LYS A C    1 
ATOM 98  O O    . LYS A 1 9  ? -3.046  -9.577  2.442   1.00 0.38 ? 9  LYS A O    1 
ATOM 99  C CB   . LYS A 1 9  ? -4.026  -7.718  4.409   1.00 0.53 ? 9  LYS A CB   1 
ATOM 100 C CG   . LYS A 1 9  ? -4.426  -7.003  5.713   1.00 0.64 ? 9  LYS A CG   1 
ATOM 101 C CD   . LYS A 1 9  ? -3.504  -5.802  5.943   1.00 0.66 ? 9  LYS A CD   1 
ATOM 102 C CE   . LYS A 1 9  ? -3.868  -5.145  7.277   1.00 0.79 ? 9  LYS A CE   1 
ATOM 103 N NZ   . LYS A 1 9  ? -3.618  -3.676  7.222   1.00 1.10 ? 9  LYS A NZ   1 
ATOM 104 H H    . LYS A 1 9  ? -1.819  -9.046  5.121   1.00 0.52 ? 9  LYS A H    1 
ATOM 105 H HA   . LYS A 1 9  ? -4.739  -9.520  5.238   1.00 0.56 ? 9  LYS A HA   1 
ATOM 106 H HB2  . LYS A 1 9  ? -3.084  -7.331  4.054   1.00 0.55 ? 9  LYS A HB2  1 
ATOM 107 H HB3  . LYS A 1 9  ? -4.779  -7.563  3.658   1.00 0.54 ? 9  LYS A HB3  1 
ATOM 108 H HG2  . LYS A 1 9  ? -5.450  -6.664  5.642   1.00 0.80 ? 9  LYS A HG2  1 
ATOM 109 H HG3  . LYS A 1 9  ? -4.337  -7.683  6.548   1.00 0.80 ? 9  LYS A HG3  1 
ATOM 110 H HD2  . LYS A 1 9  ? -2.476  -6.134  5.972   1.00 0.76 ? 9  LYS A HD2  1 
ATOM 111 H HD3  . LYS A 1 9  ? -3.625  -5.091  5.142   1.00 0.78 ? 9  LYS A HD3  1 
ATOM 112 H HE2  . LYS A 1 9  ? -4.912  -5.317  7.491   1.00 1.12 ? 9  LYS A HE2  1 
ATOM 113 H HE3  . LYS A 1 9  ? -3.271  -5.575  8.068   1.00 1.17 ? 9  LYS A HE3  1 
ATOM 114 H HZ1  . LYS A 1 9  ? -2.967  -3.464  6.438   1.00 1.44 ? 9  LYS A HZ1  1 
ATOM 115 H HZ2  . LYS A 1 9  ? -4.518  -3.177  7.070   1.00 1.44 ? 9  LYS A HZ2  1 
ATOM 116 H HZ3  . LYS A 1 9  ? -3.195  -3.363  8.118   1.00 1.73 ? 9  LYS A HZ3  1 
ATOM 117 N N    . PRO A 1 10 ? -4.742  -10.906 3.057   1.00 0.51 ? 10 PRO A N    1 
ATOM 118 C CA   . PRO A 1 10 ? -4.838  -11.544 1.745   1.00 0.53 ? 10 PRO A CA   1 
ATOM 119 C C    . PRO A 1 10 ? -5.378  -10.558 0.713   1.00 0.53 ? 10 PRO A C    1 
ATOM 120 O O    . PRO A 1 10 ? -5.349  -9.361  0.922   1.00 0.77 ? 10 PRO A O    1 
ATOM 121 C CB   . PRO A 1 10 ? -5.828  -12.711 1.934   1.00 0.83 ? 10 PRO A CB   1 
ATOM 122 C CG   . PRO A 1 10 ? -6.319  -12.667 3.408   1.00 0.96 ? 10 PRO A CG   1 
ATOM 123 C CD   . PRO A 1 10 ? -5.669  -11.442 4.068   1.00 0.74 ? 10 PRO A CD   1 
ATOM 124 H HA   . PRO A 1 10 ? -3.871  -11.912 1.438   1.00 0.61 ? 10 PRO A HA   1 
ATOM 125 H HB2  . PRO A 1 10 ? -6.666  -12.602 1.266   1.00 0.91 ? 10 PRO A HB2  1 
ATOM 126 H HB3  . PRO A 1 10 ? -5.332  -13.652 1.740   1.00 0.97 ? 10 PRO A HB3  1 
ATOM 127 H HG2  . PRO A 1 10 ? -7.395  -12.575 3.437   1.00 1.12 ? 10 PRO A HG2  1 
ATOM 128 H HG3  . PRO A 1 10 ? -6.019  -13.566 3.925   1.00 1.11 ? 10 PRO A HG3  1 
ATOM 129 H HD2  . PRO A 1 10 ? -6.423  -10.702 4.309   1.00 0.80 ? 10 PRO A HD2  1 
ATOM 130 H HD3  . PRO A 1 10 ? -5.126  -11.733 4.953   1.00 0.79 ? 10 PRO A HD3  1 
ATOM 131 N N    . GLY A 1 11 ? -5.856  -11.074 -0.377  1.00 0.60 ? 11 GLY A N    1 
ATOM 132 C CA   . GLY A 1 11 ? -6.633  -10.213 -1.302  1.00 0.82 ? 11 GLY A CA   1 
ATOM 133 C C    . GLY A 1 11 ? -5.690  -9.316  -2.100  1.00 0.62 ? 11 GLY A C    1 
ATOM 134 O O    . GLY A 1 11 ? -5.059  -9.757  -3.040  1.00 0.62 ? 11 GLY A O    1 
ATOM 135 H H    . GLY A 1 11 ? -5.703  -12.019 -0.585  1.00 0.71 ? 11 GLY A H    1 
ATOM 136 H HA2  . GLY A 1 11 ? -7.199  -10.835 -1.982  1.00 1.45 ? 11 GLY A HA2  1 
ATOM 137 H HA3  . GLY A 1 11 ? -7.314  -9.596  -0.732  1.00 1.44 ? 11 GLY A HA3  1 
ATOM 138 N N    . ARG A 1 12 ? -5.613  -8.074  -1.716  1.00 0.54 ? 12 ARG A N    1 
ATOM 139 C CA   . ARG A 1 12 ? -4.867  -7.114  -2.542  1.00 0.41 ? 12 ARG A CA   1 
ATOM 140 C C    . ARG A 1 12 ? -4.468  -5.869  -1.736  1.00 0.37 ? 12 ARG A C    1 
ATOM 141 O O    . ARG A 1 12 ? -4.974  -5.630  -0.657  1.00 0.45 ? 12 ARG A O    1 
ATOM 142 C CB   . ARG A 1 12 ? -5.761  -6.724  -3.694  1.00 0.52 ? 12 ARG A CB   1 
ATOM 143 C CG   . ARG A 1 12 ? -7.100  -6.208  -3.157  1.00 0.83 ? 12 ARG A CG   1 
ATOM 144 C CD   . ARG A 1 12 ? -7.627  -5.136  -4.094  1.00 0.74 ? 12 ARG A CD   1 
ATOM 145 N NE   . ARG A 1 12 ? -6.604  -4.072  -4.163  1.00 1.14 ? 12 ARG A NE   1 
ATOM 146 C CZ   . ARG A 1 12 ? -6.825  -3.012  -4.894  1.00 1.74 ? 12 ARG A CZ   1 
ATOM 147 N NH1  . ARG A 1 12 ? -6.746  -3.116  -6.192  1.00 2.48 ? 12 ARG A NH1  1 
ATOM 148 N NH2  . ARG A 1 12 ? -7.125  -1.888  -4.304  1.00 2.17 ? 12 ARG A NH2  1 
ATOM 149 H H    . ARG A 1 12 ? -6.068  -7.776  -0.920  1.00 0.62 ? 12 ARG A H    1 
ATOM 150 H HA   . ARG A 1 12 ? -3.982  -7.578  -2.922  1.00 0.42 ? 12 ARG A HA   1 
ATOM 151 H HB2  . ARG A 1 12 ? -5.282  -5.964  -4.261  1.00 0.65 ? 12 ARG A HB2  1 
ATOM 152 H HB3  . ARG A 1 12 ? -5.933  -7.584  -4.318  1.00 0.85 ? 12 ARG A HB3  1 
ATOM 153 H HG2  . ARG A 1 12 ? -7.809  -7.017  -3.085  1.00 1.29 ? 12 ARG A HG2  1 
ATOM 154 H HG3  . ARG A 1 12 ? -6.954  -5.787  -2.194  1.00 1.15 ? 12 ARG A HG3  1 
ATOM 155 H HD2  . ARG A 1 12 ? -7.792  -5.549  -5.076  1.00 0.98 ? 12 ARG A HD2  1 
ATOM 156 H HD3  . ARG A 1 12 ? -8.551  -4.728  -3.710  1.00 1.27 ? 12 ARG A HD3  1 
ATOM 157 H HE   . ARG A 1 12 ? -5.751  -4.181  -3.665  1.00 1.33 ? 12 ARG A HE   1 
ATOM 158 H HH11 . ARG A 1 12 ? -5.855  -3.226  -6.633  1.00 2.93 ? 12 ARG A HH11 1 
ATOM 159 H HH12 . ARG A 1 12 ? -7.577  -3.086  -6.748  1.00 2.99 ? 12 ARG A HH12 1 
ATOM 160 H HH21 . ARG A 1 12 ? -6.460  -1.449  -3.700  1.00 2.57 ? 12 ARG A HH21 1 
ATOM 161 H HH22 . ARG A 1 12 ? -8.019  -1.468  -4.455  1.00 2.64 ? 12 ARG A HH22 1 
ATOM 162 N N    . GLY A 1 13 ? -3.565  -5.109  -2.285  1.00 0.33 ? 13 GLY A N    1 
ATOM 163 C CA   . GLY A 1 13 ? -3.528  -3.654  -1.965  1.00 0.37 ? 13 GLY A CA   1 
ATOM 164 C C    . GLY A 1 13 ? -3.084  -2.852  -3.188  1.00 0.32 ? 13 GLY A C    1 
ATOM 165 O O    . GLY A 1 13 ? -2.766  -3.409  -4.215  1.00 0.37 ? 13 GLY A O    1 
ATOM 166 H H    . GLY A 1 13 ? -2.919  -5.490  -2.909  1.00 0.34 ? 13 GLY A H    1 
ATOM 167 H HA2  . GLY A 1 13 ? -4.511  -3.329  -1.663  1.00 0.86 ? 13 GLY A HA2  1 
ATOM 168 H HA3  . GLY A 1 13 ? -2.832  -3.483  -1.160  1.00 0.96 ? 13 GLY A HA3  1 
ATOM 169 N N    . ASP A 1 14 ? -3.055  -1.558  -3.044  1.00 0.30 ? 14 ASP A N    1 
ATOM 170 C CA   . ASP A 1 14 ? -2.544  -0.711  -4.138  1.00 0.31 ? 14 ASP A CA   1 
ATOM 171 C C    . ASP A 1 14 ? -1.038  -0.734  -4.135  1.00 0.27 ? 14 ASP A C    1 
ATOM 172 O O    . ASP A 1 14 ? -0.468  -0.403  -3.152  1.00 0.30 ? 14 ASP A O    1 
ATOM 173 C CB   . ASP A 1 14 ? -2.983  0.716   -3.829  1.00 0.37 ? 14 ASP A CB   1 
ATOM 174 C CG   . ASP A 1 14 ? -4.506  0.818   -3.926  1.00 0.48 ? 14 ASP A CG   1 
ATOM 175 O OD1  . ASP A 1 14 ? -5.144  0.032   -3.245  1.00 1.10 ? 14 ASP A OD1  1 
ATOM 176 O OD2  . ASP A 1 14 ? -4.946  1.674   -4.675  1.00 1.28 ? 14 ASP A OD2  1 
ATOM 177 H H    . ASP A 1 14 ? -3.365  -1.142  -2.214  1.00 0.34 ? 14 ASP A H    1 
ATOM 178 H HA   . ASP A 1 14 ? -2.930  -1.043  -5.088  1.00 0.33 ? 14 ASP A HA   1 
ATOM 179 H HB2  . ASP A 1 14 ? -2.664  0.987   -2.821  1.00 0.33 ? 14 ASP A HB2  1 
ATOM 180 H HB3  . ASP A 1 14 ? -2.533  1.385   -4.521  1.00 0.40 ? 14 ASP A HB3  1 
ATOM 181 N N    . LEU A 1 15 ? -0.401  -1.099  -5.232  1.00 0.28 ? 15 LEU A N    1 
ATOM 182 C CA   . LEU A 1 15 ? 1.077   -0.897  -5.270  1.00 0.27 ? 15 LEU A CA   1 
ATOM 183 C C    . LEU A 1 15 ? 1.393   0.538   -5.564  1.00 0.32 ? 15 LEU A C    1 
ATOM 184 O O    . LEU A 1 15 ? 1.168   1.048   -6.644  1.00 0.55 ? 15 LEU A O    1 
ATOM 185 C CB   . LEU A 1 15 ? 1.755   -1.814  -6.314  1.00 0.34 ? 15 LEU A CB   1 
ATOM 186 C CG   . LEU A 1 15 ? 3.290   -1.571  -6.353  1.00 0.51 ? 15 LEU A CG   1 
ATOM 187 C CD1  . LEU A 1 15 ? 3.969   -2.252  -5.163  1.00 0.76 ? 15 LEU A CD1  1 
ATOM 188 C CD2  . LEU A 1 15 ? 3.841   -2.187  -7.631  1.00 0.87 ? 15 LEU A CD2  1 
ATOM 189 H H    . LEU A 1 15 ? -0.876  -1.498  -5.988  1.00 0.33 ? 15 LEU A H    1 
ATOM 190 H HA   . LEU A 1 15 ? 1.455   -1.114  -4.301  1.00 0.25 ? 15 LEU A HA   1 
ATOM 191 H HB2  . LEU A 1 15 ? 1.568   -2.850  -6.061  1.00 0.32 ? 15 LEU A HB2  1 
ATOM 192 H HB3  . LEU A 1 15 ? 1.346   -1.604  -7.283  1.00 0.43 ? 15 LEU A HB3  1 
ATOM 193 H HG   . LEU A 1 15 ? 3.512   -0.520  -6.343  1.00 1.01 ? 15 LEU A HG   1 
ATOM 194 H HD11 . LEU A 1 15 ? 3.693   -3.292  -5.131  1.00 1.23 ? 15 LEU A HD11 1 
ATOM 195 H HD12 . LEU A 1 15 ? 5.039   -2.172  -5.263  1.00 1.35 ? 15 LEU A HD12 1 
ATOM 196 H HD13 . LEU A 1 15 ? 3.671   -1.776  -4.251  1.00 1.44 ? 15 LEU A HD13 1 
ATOM 197 H HD21 . LEU A 1 15 ? 3.356   -1.743  -8.487  1.00 1.41 ? 15 LEU A HD21 1 
ATOM 198 H HD22 . LEU A 1 15 ? 4.904   -2.006  -7.691  1.00 1.42 ? 15 LEU A HD22 1 
ATOM 199 H HD23 . LEU A 1 15 ? 3.660   -3.250  -7.629  1.00 1.41 ? 15 LEU A HD23 1 
ATOM 200 N N    . TRP A 1 16 ? 1.914   1.137   -4.575  1.00 0.22 ? 16 TRP A N    1 
ATOM 201 C CA   . TRP A 1 16 ? 2.566   2.428   -4.731  1.00 0.25 ? 16 TRP A CA   1 
ATOM 202 C C    . TRP A 1 16 ? 4.070   2.244   -4.959  1.00 0.30 ? 16 TRP A C    1 
ATOM 203 O O    . TRP A 1 16 ? 4.632   1.222   -4.624  1.00 0.40 ? 16 TRP A O    1 
ATOM 204 C CB   . TRP A 1 16 ? 2.296   3.137   -3.441  1.00 0.29 ? 16 TRP A CB   1 
ATOM 205 C CG   . TRP A 1 16 ? 0.866   3.653   -3.502  1.00 0.30 ? 16 TRP A CG   1 
ATOM 206 C CD1  . TRP A 1 16 ? -0.208  2.939   -3.146  1.00 0.30 ? 16 TRP A CD1  1 
ATOM 207 C CD2  . TRP A 1 16 ? 0.530   4.846   -3.904  1.00 0.33 ? 16 TRP A CD2  1 
ATOM 208 N NE1  . TRP A 1 16 ? -1.225  3.803   -3.352  1.00 0.33 ? 16 TRP A NE1  1 
ATOM 209 C CE2  . TRP A 1 16 ? -0.835  5.038   -3.836  1.00 0.35 ? 16 TRP A CE2  1 
ATOM 210 C CE3  . TRP A 1 16 ? 1.353   5.840   -4.382  1.00 0.35 ? 16 TRP A CE3  1 
ATOM 211 C CZ2  . TRP A 1 16 ? -1.376  6.244   -4.240  1.00 0.40 ? 16 TRP A CZ2  1 
ATOM 212 C CZ3  . TRP A 1 16 ? 0.814   7.044   -4.788  1.00 0.40 ? 16 TRP A CZ3  1 
ATOM 213 C CH2  . TRP A 1 16 ? -0.550  7.247   -4.715  1.00 0.42 ? 16 TRP A CH2  1 
ATOM 214 H H    . TRP A 1 16 ? 1.875   0.722   -3.686  1.00 0.34 ? 16 TRP A H    1 
ATOM 215 H HA   . TRP A 1 16 ? 2.128   2.981   -5.551  1.00 0.27 ? 16 TRP A HA   1 
ATOM 216 H HB2  . TRP A 1 16 ? 2.370   2.441   -2.635  1.00 0.28 ? 16 TRP A HB2  1 
ATOM 217 H HB3  . TRP A 1 16 ? 2.990   3.938   -3.290  1.00 0.32 ? 16 TRP A HB3  1 
ATOM 218 H HD1  . TRP A 1 16 ? -0.266  1.861   -2.936  1.00 0.29 ? 16 TRP A HD1  1 
ATOM 219 H HE1  . TRP A 1 16 ? -2.164  3.577   -3.160  1.00 0.35 ? 16 TRP A HE1  1 
ATOM 220 H HE3  . TRP A 1 16 ? 2.419   5.663   -4.471  1.00 0.35 ? 16 TRP A HE3  1 
ATOM 221 H HZ2  . TRP A 1 16 ? -2.442  6.402   -4.186  1.00 0.42 ? 16 TRP A HZ2  1 
ATOM 222 H HZ3  . TRP A 1 16 ? 1.460   7.827   -5.161  1.00 0.43 ? 16 TRP A HZ3  1 
ATOM 223 H HH2  . TRP A 1 16 ? -0.971  8.190   -5.031  1.00 0.47 ? 16 TRP A HH2  1 
ATOM 224 N N    . ILE A 1 17 ? 4.683   3.223   -5.538  1.00 0.65 ? 17 ILE A N    1 
ATOM 225 C CA   . ILE A 1 17 ? 6.132   3.089   -5.868  1.00 0.84 ? 17 ILE A CA   1 
ATOM 226 C C    . ILE A 1 17 ? 6.958   3.698   -4.743  1.00 0.94 ? 17 ILE A C    1 
ATOM 227 O O    . ILE A 1 17 ? 6.514   3.731   -3.622  1.00 1.74 ? 17 ILE A O    1 
ATOM 228 C CB   . ILE A 1 17 ? 6.437   3.778   -7.213  1.00 1.34 ? 17 ILE A CB   1 
ATOM 229 C CG1  . ILE A 1 17 ? 5.134   3.988   -8.035  1.00 1.83 ? 17 ILE A CG1  1 
ATOM 230 C CG2  . ILE A 1 17 ? 7.389   2.869   -8.015  1.00 1.28 ? 17 ILE A CG2  1 
ATOM 231 C CD1  . ILE A 1 17 ? 5.417   4.868   -9.263  1.00 2.16 ? 17 ILE A CD1  1 
ATOM 232 H H    . ILE A 1 17 ? 4.205   4.050   -5.745  1.00 0.87 ? 17 ILE A H    1 
ATOM 233 H HA   . ILE A 1 17 ? 6.390   2.066   -5.944  1.00 0.71 ? 17 ILE A HA   1 
ATOM 234 H HB   . ILE A 1 17 ? 6.904   4.715   -7.026  1.00 1.53 ? 17 ILE A HB   1 
ATOM 235 H HG12 . ILE A 1 17 ? 4.754   3.029   -8.359  1.00 2.14 ? 17 ILE A HG12 1 
ATOM 236 H HG13 . ILE A 1 17 ? 4.388   4.475   -7.432  1.00 2.07 ? 17 ILE A HG13 1 
ATOM 237 H HG21 . ILE A 1 17 ? 8.290   2.697   -7.450  1.00 1.52 ? 17 ILE A HG21 1 
ATOM 238 H HG22 . ILE A 1 17 ? 6.910   1.921   -8.211  1.00 1.70 ? 17 ILE A HG22 1 
ATOM 239 H HG23 . ILE A 1 17 ? 7.645   3.334   -8.952  1.00 1.59 ? 17 ILE A HG23 1 
ATOM 240 H HD11 . ILE A 1 17 ? 6.422   5.256   -9.223  1.00 2.29 ? 17 ILE A HD11 1 
ATOM 241 H HD12 . ILE A 1 17 ? 5.295   4.288   -10.165 1.00 2.61 ? 17 ILE A HD12 1 
ATOM 242 H HD13 . ILE A 1 17 ? 4.723   5.697   -9.280  1.00 2.55 ? 17 ILE A HD13 1 
ATOM 243 N N    . LEU A 1 18 ? 8.142   4.149   -5.063  1.00 0.73 ? 18 LEU A N    1 
ATOM 244 C CA   . LEU A 1 18 ? 9.125   4.542   -4.002  1.00 0.98 ? 18 LEU A CA   1 
ATOM 245 C C    . LEU A 1 18 ? 8.596   5.764   -3.307  1.00 0.81 ? 18 LEU A C    1 
ATOM 246 O O    . LEU A 1 18 ? 8.976   6.895   -3.549  1.00 1.16 ? 18 LEU A O    1 
ATOM 247 C CB   . LEU A 1 18 ? 10.517  4.855   -4.622  1.00 1.65 ? 18 LEU A CB   1 
ATOM 248 C CG   . LEU A 1 18 ? 10.483  4.690   -6.144  1.00 1.12 ? 18 LEU A CG   1 
ATOM 249 C CD1  . LEU A 1 18 ? 9.620   5.793   -6.765  1.00 1.51 ? 18 LEU A CD1  1 
ATOM 250 C CD2  . LEU A 1 18 ? 11.910  4.821   -6.683  1.00 1.07 ? 18 LEU A CD2  1 
ATOM 251 H H    . LEU A 1 18 ? 8.400   4.127   -5.939  1.00 1.13 ? 18 LEU A H    1 
ATOM 252 H HA   . LEU A 1 18 ? 9.222   3.752   -3.292  1.00 1.07 ? 18 LEU A HA   1 
ATOM 253 H HB2  . LEU A 1 18 ? 10.808  5.864   -4.384  1.00 2.30 ? 18 LEU A HB2  1 
ATOM 254 H HB3  . LEU A 1 18 ? 11.252  4.182   -4.209  1.00 2.12 ? 18 LEU A HB3  1 
ATOM 255 H HG   . LEU A 1 18 ? 10.089  3.723   -6.401  1.00 0.91 ? 18 LEU A HG   1 
ATOM 256 H HD11 . LEU A 1 18 ? 8.941   6.188   -6.023  1.00 1.91 ? 18 LEU A HD11 1 
ATOM 257 H HD12 . LEU A 1 18 ? 10.253  6.592   -7.125  1.00 1.92 ? 18 LEU A HD12 1 
ATOM 258 H HD13 . LEU A 1 18 ? 9.054   5.392   -7.589  1.00 1.79 ? 18 LEU A HD13 1 
ATOM 259 H HD21 . LEU A 1 18 ? 12.396  5.671   -6.223  1.00 1.44 ? 18 LEU A HD21 1 
ATOM 260 H HD22 . LEU A 1 18 ? 12.468  3.926   -6.457  1.00 1.53 ? 18 LEU A HD22 1 
ATOM 261 H HD23 . LEU A 1 18 ? 11.883  4.965   -7.753  1.00 1.41 ? 18 LEU A HD23 1 
ATOM 262 N N    . ARG A 1 19 ? 7.690   5.467   -2.464  1.00 0.42 ? 19 ARG A N    1 
ATOM 263 C CA   . ARG A 1 19 ? 7.208   6.471   -1.479  1.00 0.39 ? 19 ARG A CA   1 
ATOM 264 C C    . ARG A 1 19 ? 7.424   5.954   -0.056  1.00 0.54 ? 19 ARG A C    1 
ATOM 265 O O    . ARG A 1 19 ? 7.113   4.819   0.248   1.00 0.93 ? 19 ARG A O    1 
ATOM 266 C CB   . ARG A 1 19 ? 5.713   6.702   -1.706  1.00 0.41 ? 19 ARG A CB   1 
ATOM 267 C CG   . ARG A 1 19 ? 5.518   7.654   -2.887  1.00 0.79 ? 19 ARG A CG   1 
ATOM 268 C CD   . ARG A 1 19 ? 4.018   7.877   -3.109  1.00 0.69 ? 19 ARG A CD   1 
ATOM 269 N NE   . ARG A 1 19 ? 3.662   9.249   -2.653  1.00 1.12 ? 19 ARG A NE   1 
ATOM 270 C CZ   . ARG A 1 19 ? 3.772   10.253  -3.487  1.00 1.29 ? 19 ARG A CZ   1 
ATOM 271 N NH1  . ARG A 1 19 ? 3.415   10.083  -4.730  1.00 1.91 ? 19 ARG A NH1  1 
ATOM 272 N NH2  . ARG A 1 19 ? 4.228   11.390  -3.044  1.00 1.83 ? 19 ARG A NH2  1 
ATOM 273 H H    . ARG A 1 19 ? 7.324   4.546   -2.476  1.00 0.43 ? 19 ARG A H    1 
ATOM 274 H HA   . ARG A 1 19 ? 7.748   7.397   -1.611  1.00 0.42 ? 19 ARG A HA   1 
ATOM 275 H HB2  . ARG A 1 19 ? 5.228   5.760   -1.916  1.00 0.56 ? 19 ARG A HB2  1 
ATOM 276 H HB3  . ARG A 1 19 ? 5.278   7.134   -0.821  1.00 0.79 ? 19 ARG A HB3  1 
ATOM 277 H HG2  . ARG A 1 19 ? 5.996   8.598   -2.672  1.00 1.29 ? 19 ARG A HG2  1 
ATOM 278 H HG3  . ARG A 1 19 ? 5.958   7.227   -3.775  1.00 1.22 ? 19 ARG A HG3  1 
ATOM 279 H HD2  . ARG A 1 19 ? 3.786   7.779   -4.156  1.00 0.90 ? 19 ARG A HD2  1 
ATOM 280 H HD3  . ARG A 1 19 ? 3.449   7.152   -2.544  1.00 0.83 ? 19 ARG A HD3  1 
ATOM 281 H HE   . ARG A 1 19 ? 3.340   9.396   -1.738  1.00 1.80 ? 19 ARG A HE   1 
ATOM 282 H HH11 . ARG A 1 19 ? 2.705   9.418   -4.957  1.00 2.50 ? 19 ARG A HH11 1 
ATOM 283 H HH12 . ARG A 1 19 ? 3.851   10.617  -5.456  1.00 2.36 ? 19 ARG A HH12 1 
ATOM 284 H HH21 . ARG A 1 19 ? 4.074   11.650  -2.090  1.00 2.30 ? 19 ARG A HH21 1 
ATOM 285 H HH22 . ARG A 1 19 ? 4.724   12.004  -3.655  1.00 2.35 ? 19 ARG A HH22 1 
ATOM 286 N N    . GLY A 1 20 ? 7.953   6.796   0.789   1.00 0.51 ? 20 GLY A N    1 
ATOM 287 C CA   . GLY A 1 20 ? 8.074   6.409   2.223   1.00 0.62 ? 20 GLY A CA   1 
ATOM 288 C C    . GLY A 1 20 ? 6.721   6.537   2.925   1.00 0.48 ? 20 GLY A C    1 
ATOM 289 O O    . GLY A 1 20 ? 6.493   5.930   3.954   1.00 0.48 ? 20 GLY A O    1 
ATOM 290 H H    . GLY A 1 20 ? 8.268   7.672   0.484   1.00 0.67 ? 20 GLY A H    1 
ATOM 291 H HA2  . GLY A 1 20 ? 8.416   5.387   2.288   1.00 1.05 ? 20 GLY A HA2  1 
ATOM 292 H HA3  . GLY A 1 20 ? 8.792   7.056   2.707   1.00 1.08 ? 20 GLY A HA3  1 
ATOM 293 N N    . THR A 1 21 ? 5.849   7.323   2.352   1.00 0.42 ? 21 THR A N    1 
ATOM 294 C CA   . THR A 1 21 ? 4.477   7.436   2.924   1.00 0.37 ? 21 THR A CA   1 
ATOM 295 C C    . THR A 1 21 ? 3.444   7.549   1.816   1.00 0.36 ? 21 THR A C    1 
ATOM 296 O O    . THR A 1 21 ? 3.741   7.986   0.723   1.00 0.41 ? 21 THR A O    1 
ATOM 297 C CB   . THR A 1 21 ? 4.399   8.687   3.793   1.00 0.51 ? 21 THR A CB   1 
ATOM 298 O OG1  . THR A 1 21 ? 5.305   9.608   3.200   1.00 0.63 ? 21 THR A OG1  1 
ATOM 299 C CG2  . THR A 1 21 ? 4.953   8.431   5.196   1.00 0.60 ? 21 THR A CG2  1 
ATOM 300 H H    . THR A 1 21 ? 6.095   7.832   1.554   1.00 0.48 ? 21 THR A H    1 
ATOM 301 H HA   . THR A 1 21 ? 4.257   6.563   3.517   1.00 0.33 ? 21 THR A HA   1 
ATOM 302 H HB   . THR A 1 21 ? 3.397   9.092   3.823   1.00 0.57 ? 21 THR A HB   1 
ATOM 303 H HG1  . THR A 1 21 ? 5.260   10.430  3.694   1.00 1.22 ? 21 THR A HG1  1 
ATOM 304 H HG21 . THR A 1 21 ? 5.872   7.870   5.127   1.00 1.18 ? 21 THR A HG21 1 
ATOM 305 H HG22 . THR A 1 21 ? 5.148   9.373   5.687   1.00 1.24 ? 21 THR A HG22 1 
ATOM 306 H HG23 . THR A 1 21 ? 4.235   7.869   5.774   1.00 1.07 ? 21 THR A HG23 1 
ATOM 307 N N    . CYS A 1 22 ? 2.248   7.158   2.126   1.00 0.34 ? 22 CYS A N    1 
ATOM 308 C CA   . CYS A 1 22 ? 1.172   7.235   1.111   1.00 0.35 ? 22 CYS A CA   1 
ATOM 309 C C    . CYS A 1 22 ? 0.521   8.638   1.161   1.00 0.42 ? 22 CYS A C    1 
ATOM 310 O O    . CYS A 1 22 ? 0.558   9.293   2.184   1.00 0.51 ? 22 CYS A O    1 
ATOM 311 C CB   . CYS A 1 22 ? 0.126   6.166   1.441   1.00 0.36 ? 22 CYS A CB   1 
ATOM 312 S SG   . CYS A 1 22 ? -0.295  4.969   0.143   1.00 0.31 ? 22 CYS A SG   1 
ATOM 313 H H    . CYS A 1 22 ? 2.058   6.824   3.027   1.00 0.38 ? 22 CYS A H    1 
ATOM 314 H HA   . CYS A 1 22 ? 1.597   7.049   0.143   1.00 0.33 ? 22 CYS A HA   1 
ATOM 315 H HB2  . CYS A 1 22 ? 0.481   5.607   2.295   1.00 0.38 ? 22 CYS A HB2  1 
ATOM 316 H HB3  . CYS A 1 22 ? -0.779  6.666   1.737   1.00 0.42 ? 22 CYS A HB3  1 
ATOM 317 N N    . PRO A 1 23 ? -0.066  9.083   0.054   1.00 0.40 ? 23 PRO A N    1 
ATOM 318 C CA   . PRO A 1 23 ? -0.718  10.396  0.020   1.00 0.51 ? 23 PRO A CA   1 
ATOM 319 C C    . PRO A 1 23 ? -1.799  10.504  1.097   1.00 0.58 ? 23 PRO A C    1 
ATOM 320 O O    . PRO A 1 23 ? -2.512  9.557   1.359   1.00 0.84 ? 23 PRO A O    1 
ATOM 321 C CB   . PRO A 1 23 ? -1.356  10.492  -1.375  1.00 0.49 ? 23 PRO A CB   1 
ATOM 322 C CG   . PRO A 1 23 ? -1.037  9.166   -2.127  1.00 0.43 ? 23 PRO A CG   1 
ATOM 323 C CD   . PRO A 1 23 ? -0.137  8.323   -1.208  1.00 0.38 ? 23 PRO A CD   1 
ATOM 324 H HA   . PRO A 1 23 ? 0.017   11.177  0.152   1.00 0.62 ? 23 PRO A HA   1 
ATOM 325 H HB2  . PRO A 1 23 ? -2.424  10.617  -1.285  1.00 0.52 ? 23 PRO A HB2  1 
ATOM 326 H HB3  . PRO A 1 23 ? -0.939  11.331  -1.914  1.00 0.60 ? 23 PRO A HB3  1 
ATOM 327 H HG2  . PRO A 1 23 ? -1.950  8.633   -2.338  1.00 0.44 ? 23 PRO A HG2  1 
ATOM 328 H HG3  . PRO A 1 23 ? -0.521  9.381   -3.052  1.00 0.51 ? 23 PRO A HG3  1 
ATOM 329 H HD2  . PRO A 1 23 ? -0.572  7.354   -1.036  1.00 0.37 ? 23 PRO A HD2  1 
ATOM 330 H HD3  . PRO A 1 23 ? 0.846   8.225   -1.643  1.00 0.45 ? 23 PRO A HD3  1 
ATOM 331 N N    . GLY A 1 24 ? -1.893  11.658  1.699   1.00 0.85 ? 24 GLY A N    1 
ATOM 332 C CA   . GLY A 1 24 ? -2.840  11.811  2.840   1.00 1.04 ? 24 GLY A CA   1 
ATOM 333 C C    . GLY A 1 24 ? -4.240  12.155  2.328   1.00 1.03 ? 24 GLY A C    1 
ATOM 334 O O    . GLY A 1 24 ? -5.199  12.137  3.075   1.00 1.45 ? 24 GLY A O    1 
ATOM 335 H H    . GLY A 1 24 ? -1.349  12.418  1.404   1.00 1.13 ? 24 GLY A H    1 
ATOM 336 H HA2  . GLY A 1 24 ? -2.881  10.885  3.396   1.00 1.44 ? 24 GLY A HA2  1 
ATOM 337 H HA3  . GLY A 1 24 ? -2.493  12.601  3.488   1.00 1.59 ? 24 GLY A HA3  1 
ATOM 338 N N    . GLY A 1 25 ? -4.329  12.463  1.063   1.00 1.03 ? 25 GLY A N    1 
ATOM 339 C CA   . GLY A 1 25 ? -5.625  12.949  0.518   1.00 1.28 ? 25 GLY A CA   1 
ATOM 340 C C    . GLY A 1 25 ? -6.429  11.784  -0.064  1.00 1.08 ? 25 GLY A C    1 
ATOM 341 O O    . GLY A 1 25 ? -7.561  11.950  -0.472  1.00 1.21 ? 25 GLY A O    1 
ATOM 342 H H    . GLY A 1 25 ? -3.548  12.376  0.476   1.00 1.22 ? 25 GLY A H    1 
ATOM 343 H HA2  . GLY A 1 25 ? -6.193  13.414  1.310   1.00 1.69 ? 25 GLY A HA2  1 
ATOM 344 H HA3  . GLY A 1 25 ? -5.436  13.675  -0.259  1.00 1.76 ? 25 GLY A HA3  1 
ATOM 345 N N    . TYR A 1 26 ? -5.824  10.626  -0.091  1.00 0.89 ? 26 TYR A N    1 
ATOM 346 C CA   . TYR A 1 26 ? -6.458  9.490   -0.805  1.00 0.87 ? 26 TYR A CA   1 
ATOM 347 C C    . TYR A 1 26 ? -7.498  8.827   0.077   1.00 0.79 ? 26 TYR A C    1 
ATOM 348 O O    . TYR A 1 26 ? -8.643  8.679   -0.303  1.00 1.46 ? 26 TYR A O    1 
ATOM 349 C CB   . TYR A 1 26 ? -5.383  8.475   -1.162  1.00 0.87 ? 26 TYR A CB   1 
ATOM 350 C CG   . TYR A 1 26 ? -5.097  8.551   -2.663  1.00 1.25 ? 26 TYR A CG   1 
ATOM 351 C CD1  . TYR A 1 26 ? -4.577  9.702   -3.218  1.00 1.57 ? 26 TYR A CD1  1 
ATOM 352 C CD2  . TYR A 1 26 ? -5.363  7.472   -3.483  1.00 1.48 ? 26 TYR A CD2  1 
ATOM 353 C CE1  . TYR A 1 26 ? -4.326  9.775   -4.572  1.00 1.95 ? 26 TYR A CE1  1 
ATOM 354 C CE2  . TYR A 1 26 ? -5.111  7.544   -4.838  1.00 1.88 ? 26 TYR A CE2  1 
ATOM 355 C CZ   . TYR A 1 26 ? -4.592  8.697   -5.393  1.00 2.06 ? 26 TYR A CZ   1 
ATOM 356 O OH   . TYR A 1 26 ? -4.340  8.770   -6.747  1.00 2.49 ? 26 TYR A OH   1 
ATOM 357 H H    . TYR A 1 26 ? -4.961  10.506  0.355   1.00 0.86 ? 26 TYR A H    1 
ATOM 358 H HA   . TYR A 1 26 ? -6.925  9.843   -1.690  1.00 1.07 ? 26 TYR A HA   1 
ATOM 359 H HB2  . TYR A 1 26 ? -4.479  8.689   -0.611  1.00 0.74 ? 26 TYR A HB2  1 
ATOM 360 H HB3  . TYR A 1 26 ? -5.724  7.489   -0.913  1.00 0.95 ? 26 TYR A HB3  1 
ATOM 361 H HD1  . TYR A 1 26 ? -4.367  10.553  -2.587  1.00 1.63 ? 26 TYR A HD1  1 
ATOM 362 H HD2  . TYR A 1 26 ? -5.769  6.562   -3.062  1.00 1.48 ? 26 TYR A HD2  1 
ATOM 363 H HE1  . TYR A 1 26 ? -3.919  10.682  -4.992  1.00 2.24 ? 26 TYR A HE1  1 
ATOM 364 H HE2  . TYR A 1 26 ? -5.324  6.694   -5.471  1.00 2.14 ? 26 TYR A HE2  1 
ATOM 365 H HH   . TYR A 1 26 ? -4.051  9.663   -6.947  1.00 2.68 ? 26 TYR A HH   1 
ATOM 366 N N    . GLY A 1 27 ? -7.070  8.446   1.233   1.00 0.53 ? 27 GLY A N    1 
ATOM 367 C CA   . GLY A 1 27 ? -8.017  7.856   2.214   1.00 0.71 ? 27 GLY A CA   1 
ATOM 368 C C    . GLY A 1 27 ? -7.368  6.690   2.958   1.00 0.62 ? 27 GLY A C    1 
ATOM 369 O O    . GLY A 1 27 ? -7.994  6.064   3.790   1.00 0.75 ? 27 GLY A O    1 
ATOM 370 H H    . GLY A 1 27 ? -6.128  8.552   1.457   1.00 0.88 ? 27 GLY A H    1 
ATOM 371 H HA2  . GLY A 1 27 ? -8.310  8.612   2.927   1.00 1.06 ? 27 GLY A HA2  1 
ATOM 372 H HA3  . GLY A 1 27 ? -8.894  7.498   1.695   1.00 1.19 ? 27 GLY A HA3  1 
ATOM 373 N N    . TYR A 1 28 ? -6.124  6.412   2.652   1.00 0.46 ? 28 TYR A N    1 
ATOM 374 C CA   . TYR A 1 28 ? -5.435  5.348   3.388   1.00 0.40 ? 28 TYR A CA   1 
ATOM 375 C C    . TYR A 1 28 ? -5.259  5.703   4.837   1.00 0.42 ? 28 TYR A C    1 
ATOM 376 O O    . TYR A 1 28 ? -5.520  6.805   5.279   1.00 0.49 ? 28 TYR A O    1 
ATOM 377 C CB   . TYR A 1 28 ? -4.051  5.125   2.812   1.00 0.37 ? 28 TYR A CB   1 
ATOM 378 C CG   . TYR A 1 28 ? -4.089  4.674   1.331   1.00 0.33 ? 28 TYR A CG   1 
ATOM 379 C CD1  . TYR A 1 28 ? -4.797  3.549   0.933   1.00 0.32 ? 28 TYR A CD1  1 
ATOM 380 C CD2  . TYR A 1 28 ? -3.297  5.316   0.395   1.00 0.33 ? 28 TYR A CD2  1 
ATOM 381 C CE1  . TYR A 1 28 ? -4.697  3.075   -0.349  1.00 0.32 ? 28 TYR A CE1  1 
ATOM 382 C CE2  . TYR A 1 28 ? -3.202  4.837   -0.890  1.00 0.33 ? 28 TYR A CE2  1 
ATOM 383 C CZ   . TYR A 1 28 ? -3.904  3.713   -1.274  1.00 0.32 ? 28 TYR A CZ   1 
ATOM 384 O OH   . TYR A 1 28 ? -3.818  3.240   -2.566  1.00 0.35 ? 28 TYR A OH   1 
ATOM 385 H H    . TYR A 1 28 ? -5.655  6.895   1.947   1.00 0.44 ? 28 TYR A H    1 
ATOM 386 H HA   . TYR A 1 28 ? -5.997  4.439   3.344   1.00 0.40 ? 28 TYR A HA   1 
ATOM 387 H HB2  . TYR A 1 28 ? -3.481  6.034   2.893   1.00 0.40 ? 28 TYR A HB2  1 
ATOM 388 H HB3  . TYR A 1 28 ? -3.571  4.367   3.393   1.00 0.37 ? 28 TYR A HB3  1 
ATOM 389 H HD1  . TYR A 1 28 ? -5.450  3.061   1.613   1.00 0.35 ? 28 TYR A HD1  1 
ATOM 390 H HD2  . TYR A 1 28 ? -2.760  6.206   0.667   1.00 0.36 ? 28 TYR A HD2  1 
ATOM 391 H HE1  . TYR A 1 28 ? -5.214  2.167   -0.620  1.00 0.35 ? 28 TYR A HE1  1 
ATOM 392 H HE2  . TYR A 1 28 ? -2.540  5.319   -1.588  1.00 0.36 ? 28 TYR A HE2  1 
ATOM 393 H HH   . TYR A 1 28 ? -4.657  3.409   -3.001  1.00 0.92 ? 28 TYR A HH   1 
ATOM 394 N N    . THR A 1 29 ? -4.815  4.730   5.523   1.00 0.39 ? 29 THR A N    1 
ATOM 395 C CA   . THR A 1 29 ? -4.274  4.918   6.876   1.00 0.42 ? 29 THR A CA   1 
ATOM 396 C C    . THR A 1 29 ? -3.422  3.710   7.190   1.00 0.39 ? 29 THR A C    1 
ATOM 397 O O    . THR A 1 29 ? -2.379  3.796   7.808   1.00 0.42 ? 29 THR A O    1 
ATOM 398 C CB   . THR A 1 29 ? -5.437  4.982   7.872   1.00 0.46 ? 29 THR A CB   1 
ATOM 399 O OG1  . THR A 1 29 ? -6.405  4.083   7.351   1.00 0.46 ? 29 THR A OG1  1 
ATOM 400 C CG2  . THR A 1 29 ? -6.133  6.347   7.865   1.00 0.51 ? 29 THR A CG2  1 
ATOM 401 H H    . THR A 1 29 ? -4.809  3.845   5.123   1.00 0.36 ? 29 THR A H    1 
ATOM 402 H HA   . THR A 1 29 ? -3.676  5.804   6.917   1.00 0.47 ? 29 THR A HA   1 
ATOM 403 H HB   . THR A 1 29 ? -5.132  4.684   8.861   1.00 0.50 ? 29 THR A HB   1 
ATOM 404 H HG1  . THR A 1 29 ? -6.114  3.186   7.545   1.00 1.02 ? 29 THR A HG1  1 
ATOM 405 H HG21 . THR A 1 29 ? -5.428  7.122   7.611   1.00 1.11 ? 29 THR A HG21 1 
ATOM 406 H HG22 . THR A 1 29 ? -6.933  6.343   7.138   1.00 1.10 ? 29 THR A HG22 1 
ATOM 407 H HG23 . THR A 1 29 ? -6.544  6.549   8.842   1.00 1.06 ? 29 THR A HG23 1 
ATOM 408 N N    . SER A 1 30 ? -3.913  2.603   6.740   1.00 0.35 ? 30 SER A N    1 
ATOM 409 C CA   . SER A 1 30 ? -3.170  1.317   6.921   1.00 0.34 ? 30 SER A CA   1 
ATOM 410 C C    . SER A 1 30 ? -2.345  1.029   5.672   1.00 0.31 ? 30 SER A C    1 
ATOM 411 O O    . SER A 1 30 ? -2.864  1.045   4.599   1.00 0.34 ? 30 SER A O    1 
ATOM 412 C CB   . SER A 1 30 ? -4.175  0.186   7.142   1.00 0.38 ? 30 SER A CB   1 
ATOM 413 O OG   . SER A 1 30 ? -5.212  0.456   6.211   1.00 0.57 ? 30 SER A OG   1 
ATOM 414 H H    . SER A 1 30 ? -4.752  2.627   6.216   1.00 0.35 ? 30 SER A H    1 
ATOM 415 H HA   . SER A 1 30 ? -2.513  1.399   7.775   1.00 0.37 ? 30 SER A HA   1 
ATOM 416 H HB2  . SER A 1 30 ? -3.725  -0.774  6.932   1.00 0.48 ? 30 SER A HB2  1 
ATOM 417 H HB3  . SER A 1 30 ? -4.561  0.209   8.151   1.00 0.54 ? 30 SER A HB3  1 
ATOM 418 H HG   . SER A 1 30 ? -5.948  0.848   6.691   1.00 0.96 ? 30 SER A HG   1 
ATOM 419 N N    . ASN A 1 31 ? -1.085  0.790   5.816   1.00 0.32 ? 31 ASN A N    1 
ATOM 420 C CA   . ASN A 1 31 ? -0.311  0.432   4.634   1.00 0.28 ? 31 ASN A CA   1 
ATOM 421 C C    . ASN A 1 31 ? 0.860   -0.477  4.977   1.00 0.30 ? 31 ASN A C    1 
ATOM 422 O O    . ASN A 1 31 ? 1.302   -0.528  6.108   1.00 0.36 ? 31 ASN A O    1 
ATOM 423 C CB   . ASN A 1 31 ? 0.181   1.716   4.045   1.00 0.27 ? 31 ASN A CB   1 
ATOM 424 C CG   . ASN A 1 31 ? 0.145   2.830   5.103   1.00 0.34 ? 31 ASN A CG   1 
ATOM 425 O OD1  . ASN A 1 31 ? 0.358   2.603   6.281   1.00 1.11 ? 31 ASN A OD1  1 
ATOM 426 N ND2  . ASN A 1 31 ? -0.123  4.052   4.720   1.00 1.12 ? 31 ASN A ND2  1 
ATOM 427 H H    . ASN A 1 31 ? -0.646  0.912   6.654   1.00 0.38 ? 31 ASN A H    1 
ATOM 428 H HA   . ASN A 1 31 ? -0.941  -0.064  3.925   1.00 0.27 ? 31 ASN A HA   1 
ATOM 429 H HB2  . ASN A 1 31 ? 1.169   1.586   3.681   1.00 0.26 ? 31 ASN A HB2  1 
ATOM 430 H HB3  . ASN A 1 31 ? -0.453  1.987   3.259   1.00 0.26 ? 31 ASN A HB3  1 
ATOM 431 H HD21 . ASN A 1 31 ? -0.597  4.210   3.874   1.00 1.80 ? 31 ASN A HD21 1 
ATOM 432 H HD22 . ASN A 1 31 ? 0.149   4.814   5.276   1.00 1.65 ? 31 ASN A HD22 1 
ATOM 433 N N    . CYS A 1 32 ? 1.335   -1.187  3.976   1.00 0.28 ? 32 CYS A N    1 
ATOM 434 C CA   . CYS A 1 32 ? 2.600   -1.971  4.163   1.00 0.30 ? 32 CYS A CA   1 
ATOM 435 C C    . CYS A 1 32 ? 3.627   -1.614  3.123   1.00 0.23 ? 32 CYS A C    1 
ATOM 436 O O    . CYS A 1 32 ? 3.316   -1.329  1.982   1.00 0.27 ? 32 CYS A O    1 
ATOM 437 C CB   . CYS A 1 32 ? 2.340   -3.470  4.068   1.00 0.38 ? 32 CYS A CB   1 
ATOM 438 S SG   . CYS A 1 32 ? 1.775   -4.155  2.479   1.00 0.82 ? 32 CYS A SG   1 
ATOM 439 H H    . CYS A 1 32 ? 0.872   -1.184  3.111   1.00 0.29 ? 32 CYS A H    1 
ATOM 440 H HA   . CYS A 1 32 ? 3.007   -1.751  5.134   1.00 0.34 ? 32 CYS A HA   1 
ATOM 441 H HB2  . CYS A 1 32 ? 3.263   -3.974  4.318   1.00 0.61 ? 32 CYS A HB2  1 
ATOM 442 H HB3  . CYS A 1 32 ? 1.640   -3.723  4.811   1.00 0.91 ? 32 CYS A HB3  1 
ATOM 443 N N    . TYR A 1 33 ? 4.831   -1.694  3.541   1.00 0.26 ? 33 TYR A N    1 
ATOM 444 C CA   . TYR A 1 33 ? 5.891   -0.831  2.937   1.00 0.27 ? 33 TYR A CA   1 
ATOM 445 C C    . TYR A 1 33 ? 7.063   -1.690  2.471   1.00 0.32 ? 33 TYR A C    1 
ATOM 446 O O    . TYR A 1 33 ? 7.584   -2.487  3.225   1.00 0.40 ? 33 TYR A O    1 
ATOM 447 C CB   . TYR A 1 33 ? 6.398   0.168   3.985   1.00 0.32 ? 33 TYR A CB   1 
ATOM 448 C CG   . TYR A 1 33 ? 5.411   1.321   4.134   1.00 0.33 ? 33 TYR A CG   1 
ATOM 449 C CD1  . TYR A 1 33 ? 4.293   1.184   4.925   1.00 0.38 ? 33 TYR A CD1  1 
ATOM 450 C CD2  . TYR A 1 33 ? 5.630   2.519   3.488   1.00 0.38 ? 33 TYR A CD2  1 
ATOM 451 C CE1  . TYR A 1 33 ? 3.407   2.225   5.069   1.00 0.46 ? 33 TYR A CE1  1 
ATOM 452 C CE2  . TYR A 1 33 ? 4.744   3.563   3.631   1.00 0.47 ? 33 TYR A CE2  1 
ATOM 453 C CZ   . TYR A 1 33 ? 3.626   3.426   4.426   1.00 0.50 ? 33 TYR A CZ   1 
ATOM 454 O OH   . TYR A 1 33 ? 2.739   4.473   4.579   1.00 0.62 ? 33 TYR A OH   1 
ATOM 455 H H    . TYR A 1 33 ? 5.042   -2.330  4.264   1.00 0.33 ? 33 TYR A H    1 
ATOM 456 H HA   . TYR A 1 33 ? 5.480   -0.297  2.092   1.00 0.26 ? 33 TYR A HA   1 
ATOM 457 H HB2  . TYR A 1 33 ? 6.508   -0.325  4.934   1.00 0.36 ? 33 TYR A HB2  1 
ATOM 458 H HB3  . TYR A 1 33 ? 7.352   0.565   3.674   1.00 0.38 ? 33 TYR A HB3  1 
ATOM 459 H HD1  . TYR A 1 33 ? 4.116   0.257   5.447   1.00 0.41 ? 33 TYR A HD1  1 
ATOM 460 H HD2  . TYR A 1 33 ? 6.506   2.642   2.864   1.00 0.42 ? 33 TYR A HD2  1 
ATOM 461 H HE1  . TYR A 1 33 ? 2.528   2.093   5.670   1.00 0.54 ? 33 TYR A HE1  1 
ATOM 462 H HE2  . TYR A 1 33 ? 4.889   4.463   3.065   1.00 0.57 ? 33 TYR A HE2  1 
ATOM 463 H HH   . TYR A 1 33 ? 2.714   4.962   3.752   1.00 1.00 ? 33 TYR A HH   1 
ATOM 464 N N    . LYS A 1 34 ? 7.453   -1.511  1.239   1.00 0.37 ? 34 LYS A N    1 
ATOM 465 C CA   . LYS A 1 34 ? 8.399   -2.485  0.621   1.00 0.48 ? 34 LYS A CA   1 
ATOM 466 C C    . LYS A 1 34 ? 9.388   -1.754  -0.281  1.00 0.42 ? 34 LYS A C    1 
ATOM 467 O O    . LYS A 1 34 ? 9.343   -1.888  -1.489  1.00 0.47 ? 34 LYS A O    1 
ATOM 468 C CB   . LYS A 1 34 ? 7.600   -3.487  -0.220  1.00 0.65 ? 34 LYS A CB   1 
ATOM 469 C CG   . LYS A 1 34 ? 6.982   -4.546  0.698   1.00 0.89 ? 34 LYS A CG   1 
ATOM 470 C CD   . LYS A 1 34 ? 5.565   -4.861  0.213   1.00 0.89 ? 34 LYS A CD   1 
ATOM 471 C CE   . LYS A 1 34 ? 5.103   -6.182  0.832   1.00 1.04 ? 34 LYS A CE   1 
ATOM 472 N NZ   . LYS A 1 34 ? 3.629   -6.174  1.040   1.00 1.00 ? 34 LYS A NZ   1 
ATOM 473 H H    . LYS A 1 34 ? 7.127   -0.742  0.722   1.00 0.38 ? 34 LYS A H    1 
ATOM 474 H HA   . LYS A 1 34 ? 8.942   -3.005  1.395   1.00 0.54 ? 34 LYS A HA   1 
ATOM 475 H HB2  . LYS A 1 34 ? 6.819   -2.968  -0.753  1.00 1.10 ? 34 LYS A HB2  1 
ATOM 476 H HB3  . LYS A 1 34 ? 8.257   -3.964  -0.933  1.00 1.12 ? 34 LYS A HB3  1 
ATOM 477 H HG2  . LYS A 1 34 ? 7.580   -5.445  0.672   1.00 1.76 ? 34 LYS A HG2  1 
ATOM 478 H HG3  . LYS A 1 34 ? 6.942   -4.176  1.711   1.00 1.51 ? 34 LYS A HG3  1 
ATOM 479 H HD2  . LYS A 1 34 ? 4.894   -4.068  0.510   1.00 1.27 ? 34 LYS A HD2  1 
ATOM 480 H HD3  . LYS A 1 34 ? 5.560   -4.944  -0.864  1.00 1.51 ? 34 LYS A HD3  1 
ATOM 481 H HE2  . LYS A 1 34 ? 5.362   -6.999  0.174   1.00 1.63 ? 34 LYS A HE2  1 
ATOM 482 H HE3  . LYS A 1 34 ? 5.593   -6.326  1.782   1.00 1.40 ? 34 LYS A HE3  1 
ATOM 483 H HZ1  . LYS A 1 34 ? 3.354   -5.307  1.544   1.00 1.31 ? 34 LYS A HZ1  1 
ATOM 484 H HZ2  . LYS A 1 34 ? 3.148   -6.205  0.118   1.00 1.52 ? 34 LYS A HZ2  1 
ATOM 485 H HZ3  . LYS A 1 34 ? 3.352   -7.004  1.602   1.00 1.44 ? 34 LYS A HZ3  1 
ATOM 486 N N    . TRP A 1 35 ? 10.268  -0.995  0.316   1.00 0.42 ? 35 TRP A N    1 
ATOM 487 C CA   . TRP A 1 35 ? 11.127  -0.118  -0.495  1.00 0.51 ? 35 TRP A CA   1 
ATOM 488 C C    . TRP A 1 35 ? 11.803  -0.956  -1.609  1.00 0.58 ? 35 TRP A C    1 
ATOM 489 O O    . TRP A 1 35 ? 11.928  -2.156  -1.473  1.00 0.61 ? 35 TRP A O    1 
ATOM 490 C CB   . TRP A 1 35 ? 12.201  0.453   0.425   1.00 0.64 ? 35 TRP A CB   1 
ATOM 491 C CG   . TRP A 1 35 ? 12.201  1.999   0.363   1.00 0.89 ? 35 TRP A CG   1 
ATOM 492 C CD1  . TRP A 1 35 ? 11.114  2.757   0.480   1.00 1.61 ? 35 TRP A CD1  1 
ATOM 493 C CD2  . TRP A 1 35 ? 13.271  2.748   0.188   1.00 0.83 ? 35 TRP A CD2  1 
ATOM 494 N NE1  . TRP A 1 35 ? 11.585  4.010   0.371   1.00 1.79 ? 35 TRP A NE1  1 
ATOM 495 C CE2  . TRP A 1 35 ? 12.942  4.092   0.184   1.00 1.19 ? 35 TRP A CE2  1 
ATOM 496 C CE3  . TRP A 1 35 ? 14.580  2.365   0.011   1.00 1.22 ? 35 TRP A CE3  1 
ATOM 497 C CZ2  . TRP A 1 35 ? 13.926  5.043   0.008   1.00 1.16 ? 35 TRP A CZ2  1 
ATOM 498 C CZ3  . TRP A 1 35 ? 15.565  3.315   -0.165  1.00 1.56 ? 35 TRP A CZ3  1 
ATOM 499 C CH2  . TRP A 1 35 ? 15.237  4.653   -0.167  1.00 1.25 ? 35 TRP A CH2  1 
ATOM 500 H H    . TRP A 1 35 ? 10.371  -1.016  1.288   1.00 0.45 ? 35 TRP A H    1 
ATOM 501 H HA   . TRP A 1 35 ? 10.533  0.664   -0.908  1.00 0.53 ? 35 TRP A HA   1 
ATOM 502 H HB2  . TRP A 1 35 ? 12.010  0.145   1.438   1.00 0.68 ? 35 TRP A HB2  1 
ATOM 503 H HB3  . TRP A 1 35 ? 13.146  0.070   0.122   1.00 0.85 ? 35 TRP A HB3  1 
ATOM 504 H HD1  . TRP A 1 35 ? 10.093  2.437   0.540   1.00 2.05 ? 35 TRP A HD1  1 
ATOM 505 H HE1  . TRP A 1 35 ? 11.005  4.800   0.421   1.00 2.40 ? 35 TRP A HE1  1 
ATOM 506 H HE3  . TRP A 1 35 ? 14.831  1.327   0.001   1.00 1.59 ? 35 TRP A HE3  1 
ATOM 507 H HZ2  . TRP A 1 35 ? 13.669  6.090   0.005   1.00 1.52 ? 35 TRP A HZ2  1 
ATOM 508 H HZ3  . TRP A 1 35 ? 16.592  3.009   -0.303  1.00 2.21 ? 35 TRP A HZ3  1 
ATOM 509 H HH2  . TRP A 1 35 ? 16.008  5.396   -0.305  1.00 1.50 ? 35 TRP A HH2  1 
ATOM 510 N N    . PRO A 1 36 ? 12.230  -0.319  -2.696  1.00 0.67 ? 36 PRO A N    1 
ATOM 511 C CA   . PRO A 1 36 ? 11.967  1.104   -2.993  1.00 0.71 ? 36 PRO A CA   1 
ATOM 512 C C    . PRO A 1 36 ? 10.533  1.299   -3.541  1.00 0.64 ? 36 PRO A C    1 
ATOM 513 O O    . PRO A 1 36 ? 10.312  2.070   -4.452  1.00 1.00 ? 36 PRO A O    1 
ATOM 514 C CB   . PRO A 1 36 ? 12.992  1.459   -4.092  1.00 0.86 ? 36 PRO A CB   1 
ATOM 515 C CG   . PRO A 1 36 ? 13.610  0.120   -4.592  1.00 0.89 ? 36 PRO A CG   1 
ATOM 516 C CD   . PRO A 1 36 ? 13.076  -0.999  -3.682  1.00 0.78 ? 36 PRO A CD   1 
ATOM 517 H HA   . PRO A 1 36 ? 12.133  1.714   -2.122  1.00 0.73 ? 36 PRO A HA   1 
ATOM 518 H HB2  . PRO A 1 36 ? 12.512  1.970   -4.910  1.00 0.87 ? 36 PRO A HB2  1 
ATOM 519 H HB3  . PRO A 1 36 ? 13.764  2.090   -3.680  1.00 0.96 ? 36 PRO A HB3  1 
ATOM 520 H HG2  . PRO A 1 36 ? 13.312  -0.063  -5.615  1.00 0.90 ? 36 PRO A HG2  1 
ATOM 521 H HG3  . PRO A 1 36 ? 14.687  0.163   -4.534  1.00 1.01 ? 36 PRO A HG3  1 
ATOM 522 H HD2  . PRO A 1 36 ? 12.488  -1.704  -4.251  1.00 0.72 ? 36 PRO A HD2  1 
ATOM 523 H HD3  . PRO A 1 36 ? 13.890  -1.505  -3.185  1.00 0.89 ? 36 PRO A HD3  1 
ATOM 524 N N    . ASN A 1 37 ? 9.597   0.582   -2.992  1.00 0.34 ? 37 ASN A N    1 
ATOM 525 C CA   . ASN A 1 37 ? 8.183   0.861   -3.325  1.00 0.25 ? 37 ASN A CA   1 
ATOM 526 C C    . ASN A 1 37 ? 7.293   0.745   -2.080  1.00 0.25 ? 37 ASN A C    1 
ATOM 527 O O    . ASN A 1 37 ? 7.763   0.752   -0.960  1.00 0.39 ? 37 ASN A O    1 
ATOM 528 C CB   . ASN A 1 37 ? 7.737   -0.182  -4.341  1.00 0.29 ? 37 ASN A CB   1 
ATOM 529 C CG   . ASN A 1 37 ? 8.768   -0.266  -5.463  1.00 0.34 ? 37 ASN A CG   1 
ATOM 530 O OD1  . ASN A 1 37 ? 8.527   0.152   -6.580  1.00 0.59 ? 37 ASN A OD1  1 
ATOM 531 N ND2  . ASN A 1 37 ? 9.934   -0.802  -5.211  1.00 0.50 ? 37 ASN A ND2  1 
ATOM 532 H H    . ASN A 1 37 ? 9.821   -0.144  -2.377  1.00 0.42 ? 37 ASN A H    1 
ATOM 533 H HA   . ASN A 1 37 ? 8.095   1.864   -3.752  1.00 0.33 ? 37 ASN A HA   1 
ATOM 534 H HB2  . ASN A 1 37 ? 7.663   -1.142  -3.857  1.00 0.36 ? 37 ASN A HB2  1 
ATOM 535 H HB3  . ASN A 1 37 ? 6.775   0.089   -4.752  1.00 0.39 ? 37 ASN A HB3  1 
ATOM 536 H HD21 . ASN A 1 37 ? 10.398  -0.593  -4.372  1.00 0.99 ? 37 ASN A HD21 1 
ATOM 537 H HD22 . ASN A 1 37 ? 10.346  -1.412  -5.857  1.00 1.03 ? 37 ASN A HD22 1 
ATOM 538 N N    . ILE A 1 38 ? 6.022   0.631   -2.325  1.00 0.24 ? 38 ILE A N    1 
ATOM 539 C CA   . ILE A 1 38 ? 5.060   0.319   -1.230  1.00 0.24 ? 38 ILE A CA   1 
ATOM 540 C C    . ILE A 1 38 ? 3.782   -0.245  -1.852  1.00 0.25 ? 38 ILE A C    1 
ATOM 541 O O    . ILE A 1 38 ? 3.459   0.105   -2.963  1.00 0.29 ? 38 ILE A O    1 
ATOM 542 C CB   . ILE A 1 38 ? 4.735   1.622   -0.455  1.00 0.23 ? 38 ILE A CB   1 
ATOM 543 C CG1  . ILE A 1 38 ? 3.354   1.488   0.203   1.00 0.21 ? 38 ILE A CG1  1 
ATOM 544 C CG2  . ILE A 1 38 ? 4.719   2.839   -1.415  1.00 0.24 ? 38 ILE A CG2  1 
ATOM 545 C CD1  . ILE A 1 38 ? 3.213   2.524   1.312   1.00 0.24 ? 38 ILE A CD1  1 
ATOM 546 H H    . ILE A 1 38 ? 5.693   0.752   -3.238  1.00 0.36 ? 38 ILE A H    1 
ATOM 547 H HA   . ILE A 1 38 ? 5.492   -0.412  -0.563  1.00 0.24 ? 38 ILE A HA   1 
ATOM 548 H HB   . ILE A 1 38 ? 5.485   1.775   0.306   1.00 0.27 ? 38 ILE A HB   1 
ATOM 549 H HG12 . ILE A 1 38 ? 2.582   1.638   -0.525  1.00 0.20 ? 38 ILE A HG12 1 
ATOM 550 H HG13 . ILE A 1 38 ? 3.251   0.510   0.620   1.00 0.24 ? 38 ILE A HG13 1 
ATOM 551 H HG21 . ILE A 1 38 ? 4.637   2.510   -2.436  1.00 1.01 ? 38 ILE A HG21 1 
ATOM 552 H HG22 . ILE A 1 38 ? 3.875   3.478   -1.181  1.00 1.02 ? 38 ILE A HG22 1 
ATOM 553 H HG23 . ILE A 1 38 ? 5.627   3.408   -1.301  1.00 1.07 ? 38 ILE A HG23 1 
ATOM 554 H HD11 . ILE A 1 38 ? 3.993   3.269   1.222   1.00 0.98 ? 38 ILE A HD11 1 
ATOM 555 H HD12 . ILE A 1 38 ? 2.254   3.010   1.242   1.00 1.05 ? 38 ILE A HD12 1 
ATOM 556 H HD13 . ILE A 1 38 ? 3.290   2.032   2.265   1.00 1.05 ? 38 ILE A HD13 1 
ATOM 557 N N    . CYS A 1 39 ? 3.056   -1.091  -1.136  1.00 0.26 ? 39 CYS A N    1 
ATOM 558 C CA   . CYS A 1 39 ? 1.590   -1.145  -1.421  1.00 0.29 ? 39 CYS A CA   1 
ATOM 559 C C    . CYS A 1 39 ? 0.778   -0.733  -0.201  1.00 0.27 ? 39 CYS A C    1 
ATOM 560 O O    . CYS A 1 39 ? 1.211   -0.890  0.924   1.00 0.38 ? 39 CYS A O    1 
ATOM 561 C CB   . CYS A 1 39 ? 1.117   -2.554  -1.869  1.00 0.37 ? 39 CYS A CB   1 
ATOM 562 S SG   . CYS A 1 39 ? 2.111   -3.514  -3.009  1.00 0.41 ? 39 CYS A SG   1 
ATOM 563 H H    . CYS A 1 39 ? 3.459   -1.639  -0.421  1.00 0.27 ? 39 CYS A H    1 
ATOM 564 H HA   . CYS A 1 39 ? 1.403   -0.450  -2.194  1.00 0.31 ? 39 CYS A HA   1 
ATOM 565 H HB2  . CYS A 1 39 ? 0.981   -3.154  -0.995  1.00 0.59 ? 39 CYS A HB2  1 
ATOM 566 H HB3  . CYS A 1 39 ? 0.146   -2.447  -2.328  1.00 0.66 ? 39 CYS A HB3  1 
ATOM 567 N N    . CYS A 1 40 ? -0.394  -0.215  -0.460  1.00 0.24 ? 40 CYS A N    1 
ATOM 568 C CA   . CYS A 1 40 ? -1.049  0.656   0.547   1.00 0.23 ? 40 CYS A CA   1 
ATOM 569 C C    . CYS A 1 40 ? -2.480  0.157   0.878   1.00 0.22 ? 40 CYS A C    1 
ATOM 570 O O    . CYS A 1 40 ? -3.199  -0.309  0.008   1.00 0.30 ? 40 CYS A O    1 
ATOM 571 C CB   . CYS A 1 40 ? -1.112  2.052   -0.030  1.00 0.24 ? 40 CYS A CB   1 
ATOM 572 S SG   . CYS A 1 40 ? -1.172  3.438   1.134   1.00 0.27 ? 40 CYS A SG   1 
ATOM 573 H H    . CYS A 1 40 ? -0.825  -0.375  -1.327  1.00 0.35 ? 40 CYS A H    1 
ATOM 574 H HA   . CYS A 1 40 ? -0.458  0.672   1.438   1.00 0.23 ? 40 CYS A HA   1 
ATOM 575 H HB2  . CYS A 1 40 ? -0.254  2.188   -0.657  1.00 0.26 ? 40 CYS A HB2  1 
ATOM 576 H HB3  . CYS A 1 40 ? -1.967  2.104   -0.653  1.00 0.26 ? 40 CYS A HB3  1 
ATOM 577 N N    . TYR A 1 41 ? -2.845  0.272   2.140   1.00 0.24 ? 41 TYR A N    1 
ATOM 578 C CA   . TYR A 1 41 ? -4.192  -0.207  2.608   1.00 0.24 ? 41 TYR A CA   1 
ATOM 579 C C    . TYR A 1 41 ? -5.005  1.023   3.155   1.00 0.27 ? 41 TYR A C    1 
ATOM 580 O O    . TYR A 1 41 ? -4.439  2.075   3.376   1.00 0.33 ? 41 TYR A O    1 
ATOM 581 C CB   . TYR A 1 41 ? -3.922  -1.257  3.711   1.00 0.24 ? 41 TYR A CB   1 
ATOM 582 C CG   . TYR A 1 41 ? -4.148  -2.671  3.143   1.00 0.28 ? 41 TYR A CG   1 
ATOM 583 C CD1  . TYR A 1 41 ? -3.366  -3.123  2.097   1.00 0.34 ? 41 TYR A CD1  1 
ATOM 584 C CD2  . TYR A 1 41 ? -5.109  -3.521  3.673   1.00 0.37 ? 41 TYR A CD2  1 
ATOM 585 C CE1  . TYR A 1 41 ? -3.538  -4.390  1.588   1.00 0.43 ? 41 TYR A CE1  1 
ATOM 586 C CE2  . TYR A 1 41 ? -5.276  -4.792  3.153   1.00 0.44 ? 41 TYR A CE2  1 
ATOM 587 C CZ   . TYR A 1 41 ? -4.490  -5.232  2.108   1.00 0.46 ? 41 TYR A CZ   1 
ATOM 588 O OH   . TYR A 1 41 ? -4.656  -6.500  1.587   1.00 0.58 ? 41 TYR A OH   1 
ATOM 589 H H    . TYR A 1 41 ? -2.227  0.664   2.789   1.00 0.30 ? 41 TYR A H    1 
ATOM 590 H HA   . TYR A 1 41 ? -4.721  -0.661  1.791   1.00 0.26 ? 41 TYR A HA   1 
ATOM 591 H HB2  . TYR A 1 41 ? -2.904  -1.188  4.029   1.00 0.30 ? 41 TYR A HB2  1 
ATOM 592 H HB3  . TYR A 1 41 ? -4.549  -1.087  4.551   1.00 0.28 ? 41 TYR A HB3  1 
ATOM 593 H HD1  . TYR A 1 41 ? -2.610  -2.481  1.677   1.00 0.38 ? 41 TYR A HD1  1 
ATOM 594 H HD2  . TYR A 1 41 ? -5.718  -3.200  4.504   1.00 0.43 ? 41 TYR A HD2  1 
ATOM 595 H HE1  . TYR A 1 41 ? -2.909  -4.732  0.779   1.00 0.52 ? 41 TYR A HE1  1 
ATOM 596 H HE2  . TYR A 1 41 ? -6.031  -5.444  3.568   1.00 0.54 ? 41 TYR A HE2  1 
ATOM 597 H HH   . TYR A 1 41 ? -3.957  -6.652  0.947   1.00 1.14 ? 41 TYR A HH   1 
ATOM 598 N N    . PRO A 1 42 ? -6.316  0.875   3.364   1.00 0.29 ? 42 PRO A N    1 
ATOM 599 C CA   . PRO A 1 42 ? -7.035  -0.386  3.250   1.00 0.41 ? 42 PRO A CA   1 
ATOM 600 C C    . PRO A 1 42 ? -7.311  -0.773  1.823   1.00 0.63 ? 42 PRO A C    1 
ATOM 601 O O    . PRO A 1 42 ? -7.281  0.029   0.910   1.00 1.70 ? 42 PRO A O    1 
ATOM 602 C CB   . PRO A 1 42 ? -8.365  -0.155  3.953   1.00 0.40 ? 42 PRO A CB   1 
ATOM 603 C CG   . PRO A 1 42 ? -8.478  1.371   4.234   1.00 0.41 ? 42 PRO A CG   1 
ATOM 604 C CD   . PRO A 1 42 ? -7.159  2.008   3.769   1.00 0.33 ? 42 PRO A CD   1 
ATOM 605 H HA   . PRO A 1 42 ? -6.512  -1.164  3.734   1.00 0.57 ? 42 PRO A HA   1 
ATOM 606 H HB2  . PRO A 1 42 ? -9.168  -0.486  3.312   1.00 0.43 ? 42 PRO A HB2  1 
ATOM 607 H HB3  . PRO A 1 42 ? -8.393  -0.704  4.881   1.00 0.51 ? 42 PRO A HB3  1 
ATOM 608 H HG2  . PRO A 1 42 ? -9.306  1.791   3.686   1.00 0.48 ? 42 PRO A HG2  1 
ATOM 609 H HG3  . PRO A 1 42 ? -8.618  1.542   5.292   1.00 0.47 ? 42 PRO A HG3  1 
ATOM 610 H HD2  . PRO A 1 42 ? -7.338  2.652   2.925   1.00 0.38 ? 42 PRO A HD2  1 
ATOM 611 H HD3  . PRO A 1 42 ? -6.691  2.558   4.573   1.00 0.36 ? 42 PRO A HD3  1 
ATOM 612 N N    . HIS A 1 43 ? -7.574  -2.006  1.698   1.00 0.57 ? 43 HIS A N    1 
ATOM 613 C CA   . HIS A 1 43 ? -8.185  -2.554  0.505   1.00 0.49 ? 43 HIS A CA   1 
ATOM 614 C C    . HIS A 1 43 ? -9.511  -3.225  0.853   1.00 0.48 ? 43 HIS A C    1 
ATOM 615 O O    . HIS A 1 43 ? -9.558  -3.813  1.920   1.00 1.11 ? 43 HIS A O    1 
ATOM 616 C CB   . HIS A 1 43 ? -7.174  -3.538  -0.045  1.00 0.54 ? 43 HIS A CB   1 
ATOM 617 C CG   . HIS A 1 43 ? -7.671  -4.958  0.078   1.00 0.53 ? 43 HIS A CG   1 
ATOM 618 N ND1  . HIS A 1 43 ? -7.049  -5.849  0.682   1.00 0.62 ? 43 HIS A ND1  1 
ATOM 619 C CD2  . HIS A 1 43 ? -8.788  -5.563  -0.430  1.00 0.56 ? 43 HIS A CD2  1 
ATOM 620 C CE1  . HIS A 1 43 ? -7.632  -6.952  0.618   1.00 0.65 ? 43 HIS A CE1  1 
ATOM 621 N NE2  . HIS A 1 43 ? -8.773  -6.881  -0.080  1.00 0.63 ? 43 HIS A NE2  1 
ATOM 622 O OXT  . HIS A 1 43 ? -10.407 -3.110  0.031   1.00 1.14 ? 43 HIS A OXT  1 
ATOM 623 H H    . HIS A 1 43 ? -7.362  -2.600  2.419   1.00 1.36 ? 43 HIS A H    1 
ATOM 624 H HA   . HIS A 1 43 ? -8.356  -1.771  -0.214  1.00 0.53 ? 43 HIS A HA   1 
ATOM 625 H HB2  . HIS A 1 43 ? -6.992  -3.318  -1.066  1.00 0.58 ? 43 HIS A HB2  1 
ATOM 626 H HB3  . HIS A 1 43 ? -6.251  -3.453  0.494   1.00 0.63 ? 43 HIS A HB3  1 
ATOM 627 H HD1  . HIS A 1 43 ? -6.210  -5.703  1.154   1.00 0.70 ? 43 HIS A HD1  1 
ATOM 628 H HD2  . HIS A 1 43 ? -9.562  -5.058  -0.993  1.00 0.58 ? 43 HIS A HD2  1 
ATOM 629 H HE1  . HIS A 1 43 ? -7.241  -7.853  1.068   1.00 0.75 ? 43 HIS A HE1  1 
# 
